data_7UN4
#
_entry.id   7UN4
#
_cell.length_a   65.262
_cell.length_b   130.756
_cell.length_c   83.598
_cell.angle_alpha   90.000
_cell.angle_beta   90.000
_cell.angle_gamma   90.000
#
_symmetry.space_group_name_H-M   'P 1 21 1'
#
loop_
_entity.id
_entity.type
_entity.pdbx_description
1 polymer 'Dual specificity protein phosphatase 10'
2 non-polymer 1-{[(9aM)-5,6-dihydrothieno[2,3-h]quinazolin-2-yl]sulfanyl}-3,3-dimethylbutan-2-one
#
_entity_poly.entity_id   1
_entity_poly.type   'polypeptide(L)'
_entity_poly.pdbx_seq_one_letter_code
;GSHMAELTPILPFLFLGNEQDAQDLDTMQRLNIGYVINVTTHLPLYHYEKGLFNYKRLPATDSNKQNLRQYFEEAFEFIE
EAHQCGKGLLIHCQAGVSRSATIVIAYLMKHTRMTMTDAYKFVKGKRPIISPNLNFMGQLLEFEEDLNNGVT
;
_entity_poly.pdbx_strand_id   A,B,C,D,E,F
#
# COMPACT_ATOMS: atom_id res chain seq x y z
N SER A 2 -28.89 4.52 24.14
CA SER A 2 -28.15 4.03 22.99
C SER A 2 -26.88 4.85 22.76
N HIS A 3 -26.03 4.37 21.86
CA HIS A 3 -24.80 5.06 21.54
C HIS A 3 -25.07 6.27 20.64
N MET A 4 -24.44 7.39 20.99
CA MET A 4 -24.49 8.60 20.17
C MET A 4 -23.18 8.72 19.41
N ALA A 5 -23.25 8.64 18.08
CA ALA A 5 -22.06 8.66 17.25
C ALA A 5 -21.36 10.02 17.36
N GLU A 6 -20.02 9.97 17.47
CA GLU A 6 -19.19 11.16 17.59
C GLU A 6 -18.11 11.08 16.50
N LEU A 7 -18.50 11.40 15.27
CA LEU A 7 -17.57 11.43 14.14
C LEU A 7 -16.74 12.70 14.24
N THR A 8 -15.51 12.56 14.73
CA THR A 8 -14.63 13.71 14.92
C THR A 8 -14.14 14.22 13.56
N PRO A 9 -14.39 15.46 13.20
CA PRO A 9 -13.85 15.98 11.95
C PRO A 9 -12.45 16.54 12.12
N ILE A 10 -11.44 15.75 11.72
CA ILE A 10 -10.06 16.24 11.75
C ILE A 10 -9.89 17.35 10.73
N LEU A 11 -10.35 17.11 9.52
CA LEU A 11 -10.49 18.08 8.45
C LEU A 11 -11.96 18.10 8.05
N PRO A 12 -12.40 19.14 7.34
CA PRO A 12 -13.82 19.18 6.92
C PRO A 12 -14.25 17.99 6.08
N PHE A 13 -13.32 17.25 5.47
CA PHE A 13 -13.65 16.10 4.67
C PHE A 13 -13.14 14.80 5.26
N LEU A 14 -12.37 14.85 6.34
CA LEU A 14 -11.76 13.67 6.94
C LEU A 14 -12.35 13.47 8.34
N PHE A 15 -12.96 12.32 8.56
CA PHE A 15 -13.59 12.00 9.84
C PHE A 15 -12.94 10.75 10.42
N LEU A 16 -12.98 10.65 11.74
CA LEU A 16 -12.35 9.55 12.46
C LEU A 16 -13.25 9.07 13.57
N GLY A 17 -13.30 7.77 13.78
CA GLY A 17 -14.15 7.23 14.81
C GLY A 17 -13.81 5.80 15.14
N ASN A 18 -14.61 5.21 16.01
CA ASN A 18 -14.45 3.82 16.42
C ASN A 18 -15.50 2.95 15.75
N GLU A 19 -15.62 1.71 16.22
CA GLU A 19 -16.56 0.77 15.63
C GLU A 19 -18.00 1.23 15.81
N GLN A 20 -18.32 1.79 16.99
CA GLN A 20 -19.68 2.26 17.26
C GLN A 20 -20.01 3.51 16.46
N ASP A 21 -19.03 4.38 16.26
CA ASP A 21 -19.26 5.60 15.48
C ASP A 21 -19.49 5.29 14.01
N ALA A 22 -18.97 4.17 13.52
CA ALA A 22 -19.06 3.82 12.10
C ALA A 22 -20.38 3.17 11.72
N GLN A 23 -21.20 2.74 12.69
CA GLN A 23 -22.45 2.07 12.40
C GLN A 23 -23.62 3.04 12.26
N ASP A 24 -23.39 4.34 12.41
CA ASP A 24 -24.46 5.33 12.33
C ASP A 24 -24.56 5.83 10.89
N LEU A 25 -25.59 5.38 10.18
CA LEU A 25 -25.75 5.74 8.77
C LEU A 25 -26.24 7.16 8.58
N ASP A 26 -27.10 7.65 9.47
CA ASP A 26 -27.71 8.96 9.29
C ASP A 26 -26.67 10.08 9.33
N THR A 27 -25.76 10.03 10.30
CA THR A 27 -24.76 11.09 10.42
C THR A 27 -23.79 11.07 9.24
N MET A 28 -23.45 9.88 8.75
CA MET A 28 -22.52 9.80 7.63
C MET A 28 -23.10 10.41 6.36
N GLN A 29 -24.41 10.33 6.18
CA GLN A 29 -25.01 10.93 4.98
C GLN A 29 -25.21 12.43 5.17
N ARG A 30 -25.46 12.87 6.40
CA ARG A 30 -25.57 14.30 6.69
C ARG A 30 -24.23 15.01 6.58
N LEU A 31 -23.12 14.29 6.76
CA LEU A 31 -21.79 14.84 6.64
C LEU A 31 -21.17 14.64 5.26
N ASN A 32 -21.93 14.06 4.33
CA ASN A 32 -21.51 13.93 2.92
C ASN A 32 -20.23 13.10 2.78
N ILE A 33 -20.20 11.96 3.43
CA ILE A 33 -19.10 11.01 3.27
C ILE A 33 -19.54 9.94 2.30
N GLY A 34 -18.62 9.52 1.43
CA GLY A 34 -18.91 8.47 0.48
C GLY A 34 -17.82 7.40 0.44
N TYR A 35 -16.82 7.55 1.29
CA TYR A 35 -15.69 6.63 1.34
C TYR A 35 -15.44 6.24 2.79
N VAL A 36 -15.24 4.94 3.04
CA VAL A 36 -15.01 4.42 4.38
C VAL A 36 -13.75 3.56 4.38
N ILE A 37 -12.91 3.74 5.40
CA ILE A 37 -11.71 2.96 5.59
C ILE A 37 -11.85 2.15 6.88
N ASN A 38 -11.77 0.82 6.75
CA ASN A 38 -11.90 -0.10 7.86
C ASN A 38 -10.53 -0.67 8.17
N VAL A 39 -9.94 -0.24 9.29
CA VAL A 39 -8.59 -0.65 9.66
C VAL A 39 -8.66 -1.82 10.64
N THR A 40 -9.42 -2.86 10.28
CA THR A 40 -9.51 -4.07 11.10
C THR A 40 -9.51 -5.29 10.20
N THR A 41 -9.23 -6.44 10.82
CA THR A 41 -9.34 -7.72 10.10
C THR A 41 -10.70 -8.38 10.32
N HIS A 42 -11.33 -8.13 11.46
CA HIS A 42 -12.51 -8.88 11.89
C HIS A 42 -13.81 -8.11 11.83
N LEU A 43 -13.77 -6.78 11.78
CA LEU A 43 -15.02 -6.03 11.77
C LEU A 43 -15.65 -6.06 10.37
N PRO A 44 -16.97 -6.07 10.29
CA PRO A 44 -17.62 -6.06 8.98
C PRO A 44 -17.62 -4.66 8.37
N LEU A 45 -17.68 -4.64 7.04
CA LEU A 45 -17.89 -3.38 6.32
C LEU A 45 -19.34 -2.97 6.51
N TYR A 46 -19.57 -1.97 7.36
CA TYR A 46 -20.93 -1.61 7.75
C TYR A 46 -21.65 -0.95 6.58
N HIS A 47 -22.93 -1.33 6.41
CA HIS A 47 -23.80 -0.79 5.36
C HIS A 47 -23.25 -1.12 3.97
N TYR A 48 -22.66 -2.30 3.83
CA TYR A 48 -22.15 -2.74 2.53
C TYR A 48 -23.30 -3.16 1.62
N GLU A 49 -24.33 -3.79 2.19
CA GLU A 49 -25.49 -4.23 1.42
C GLU A 49 -26.33 -3.07 0.91
N LYS A 50 -26.00 -1.83 1.25
CA LYS A 50 -26.79 -0.68 0.82
C LYS A 50 -26.22 0.00 -0.42
N GLY A 51 -25.01 -0.35 -0.84
CA GLY A 51 -24.42 0.21 -2.05
C GLY A 51 -24.32 1.72 -2.03
N LEU A 52 -23.90 2.30 -0.90
CA LEU A 52 -23.82 3.74 -0.75
C LEU A 52 -22.40 4.28 -0.66
N PHE A 53 -21.43 3.46 -0.26
CA PHE A 53 -20.07 3.93 -0.03
C PHE A 53 -19.08 3.04 -0.78
N ASN A 54 -17.89 3.59 -0.98
CA ASN A 54 -16.75 2.83 -1.48
C ASN A 54 -15.89 2.43 -0.30
N TYR A 55 -15.61 1.14 -0.18
CA TYR A 55 -14.95 0.58 0.99
C TYR A 55 -13.53 0.16 0.65
N LYS A 56 -12.65 0.30 1.64
CA LYS A 56 -11.30 -0.25 1.57
C LYS A 56 -10.93 -0.75 2.96
N ARG A 57 -10.60 -2.02 3.07
CA ARG A 57 -10.25 -2.65 4.34
C ARG A 57 -8.74 -2.78 4.46
N LEU A 58 -8.19 -2.36 5.59
CA LEU A 58 -6.78 -2.53 5.90
C LEU A 58 -6.66 -3.60 6.98
N PRO A 59 -6.40 -4.85 6.63
CA PRO A 59 -6.38 -5.92 7.64
C PRO A 59 -5.23 -5.76 8.63
N ALA A 60 -5.51 -5.12 9.75
CA ALA A 60 -4.51 -4.85 10.77
C ALA A 60 -5.05 -5.26 12.14
N THR A 61 -4.12 -5.65 13.02
CA THR A 61 -4.44 -5.97 14.40
C THR A 61 -3.80 -4.95 15.34
N ASP A 62 -4.32 -4.88 16.55
CA ASP A 62 -3.81 -3.93 17.55
C ASP A 62 -2.76 -4.59 18.44
N SER A 63 -1.72 -5.13 17.80
CA SER A 63 -0.63 -5.84 18.47
C SER A 63 0.64 -4.99 18.46
N ASN A 64 1.68 -5.50 19.11
CA ASN A 64 2.99 -4.87 19.15
C ASN A 64 3.86 -5.23 17.96
N LYS A 65 3.33 -6.04 17.03
CA LYS A 65 4.04 -6.44 15.83
C LYS A 65 3.35 -6.02 14.54
N GLN A 66 2.21 -5.33 14.63
CA GLN A 66 1.47 -4.96 13.43
C GLN A 66 2.22 -3.91 12.63
N ASN A 67 2.32 -4.11 11.32
CA ASN A 67 2.93 -3.16 10.41
C ASN A 67 1.82 -2.32 9.80
N LEU A 68 1.78 -1.03 10.16
CA LEU A 68 0.82 -0.11 9.57
C LEU A 68 1.44 0.78 8.49
N ARG A 69 2.77 0.88 8.45
CA ARG A 69 3.42 1.68 7.42
C ARG A 69 3.09 1.18 6.02
N GLN A 70 2.92 -0.13 5.85
CA GLN A 70 2.62 -0.70 4.55
C GLN A 70 1.27 -0.25 4.00
N TYR A 71 0.35 0.19 4.86
CA TYR A 71 -0.98 0.58 4.45
C TYR A 71 -1.16 2.09 4.29
N PHE A 72 -0.10 2.87 4.49
CA PHE A 72 -0.23 4.33 4.46
C PHE A 72 -0.59 4.83 3.06
N GLU A 73 0.21 4.47 2.05
CA GLU A 73 -0.01 5.00 0.71
C GLU A 73 -1.33 4.51 0.12
N GLU A 74 -1.76 3.30 0.48
CA GLU A 74 -3.07 2.82 0.02
C GLU A 74 -4.19 3.67 0.58
N ALA A 75 -4.05 4.12 1.83
CA ALA A 75 -5.07 4.96 2.45
C ALA A 75 -4.97 6.42 2.02
N PHE A 76 -3.76 6.92 1.76
CA PHE A 76 -3.61 8.31 1.34
C PHE A 76 -4.29 8.55 0.00
N GLU A 77 -4.10 7.64 -0.95
CA GLU A 77 -4.75 7.79 -2.25
C GLU A 77 -6.26 7.60 -2.14
N PHE A 78 -6.71 6.75 -1.21
CA PHE A 78 -8.13 6.61 -0.98
C PHE A 78 -8.72 7.87 -0.34
N ILE A 79 -7.96 8.53 0.53
CA ILE A 79 -8.40 9.80 1.10
C ILE A 79 -8.35 10.91 0.06
N GLU A 80 -7.34 10.88 -0.81
CA GLU A 80 -7.23 11.91 -1.83
C GLU A 80 -8.30 11.78 -2.90
N GLU A 81 -8.78 10.56 -3.16
CA GLU A 81 -9.83 10.38 -4.16
C GLU A 81 -11.16 10.95 -3.66
N ALA A 82 -11.36 10.97 -2.35
CA ALA A 82 -12.53 11.62 -1.77
C ALA A 82 -12.35 13.14 -1.74
N HIS A 83 -11.10 13.60 -1.56
CA HIS A 83 -10.82 15.02 -1.54
C HIS A 83 -11.08 15.66 -2.90
N GLN A 84 -10.76 14.96 -3.98
CA GLN A 84 -10.85 15.55 -5.32
C GLN A 84 -12.26 15.59 -5.86
N CYS A 85 -13.21 14.86 -5.25
CA CYS A 85 -14.59 14.88 -5.69
C CYS A 85 -15.53 15.51 -4.66
N GLY A 86 -14.98 16.20 -3.65
CA GLY A 86 -15.82 16.94 -2.73
C GLY A 86 -16.60 16.10 -1.74
N LYS A 87 -16.20 14.85 -1.51
CA LYS A 87 -16.88 13.97 -0.58
C LYS A 87 -16.00 13.68 0.62
N GLY A 88 -16.64 13.28 1.72
CA GLY A 88 -15.92 12.98 2.93
C GLY A 88 -15.53 11.51 3.07
N LEU A 89 -14.54 11.27 3.92
CA LEU A 89 -14.02 9.94 4.18
C LEU A 89 -14.01 9.67 5.68
N LEU A 90 -14.45 8.46 6.05
CA LEU A 90 -14.43 8.02 7.45
C LEU A 90 -13.45 6.87 7.58
N ILE A 91 -12.44 7.05 8.43
CA ILE A 91 -11.48 6.00 8.75
C ILE A 91 -11.69 5.62 10.21
N HIS A 92 -11.86 4.33 10.47
CA HIS A 92 -12.22 3.86 11.80
C HIS A 92 -11.56 2.52 12.09
N CYS A 93 -11.44 2.22 13.38
CA CYS A 93 -11.03 0.88 13.80
C CYS A 93 -11.82 0.46 15.03
N GLN A 94 -11.15 0.38 16.19
CA GLN A 94 -11.83 -0.07 17.39
C GLN A 94 -11.82 1.01 18.48
N ALA A 95 -12.01 0.58 19.74
CA ALA A 95 -12.29 1.51 20.83
C ALA A 95 -11.20 2.57 20.98
N GLY A 96 -9.95 2.14 21.13
CA GLY A 96 -8.88 3.09 21.36
C GLY A 96 -8.53 3.96 20.18
N VAL A 97 -9.13 3.72 19.02
CA VAL A 97 -8.86 4.46 17.78
C VAL A 97 -7.37 4.56 17.52
N SER A 98 -6.60 3.57 17.98
CA SER A 98 -5.15 3.62 17.87
C SER A 98 -4.69 3.48 16.41
N ARG A 99 -5.25 2.52 15.68
CA ARG A 99 -4.81 2.29 14.32
C ARG A 99 -5.26 3.40 13.38
N SER A 100 -6.53 3.78 13.43
CA SER A 100 -7.04 4.77 12.49
C SER A 100 -6.44 6.14 12.73
N ALA A 101 -6.16 6.50 13.98
CA ALA A 101 -5.50 7.77 14.27
C ALA A 101 -4.05 7.76 13.81
N THR A 102 -3.43 6.59 13.71
CA THR A 102 -2.06 6.51 13.22
C THR A 102 -1.97 6.91 11.75
N ILE A 103 -2.96 6.50 10.94
CA ILE A 103 -2.96 6.89 9.54
C ILE A 103 -3.33 8.36 9.38
N VAL A 104 -4.28 8.84 10.19
CA VAL A 104 -4.69 10.24 10.13
C VAL A 104 -3.51 11.15 10.47
N ILE A 105 -2.74 10.79 11.51
CA ILE A 105 -1.56 11.57 11.84
C ILE A 105 -0.57 11.52 10.68
N ALA A 106 -0.41 10.35 10.07
CA ALA A 106 0.48 10.22 8.91
C ALA A 106 -0.03 11.07 7.74
N TYR A 107 -1.35 11.15 7.57
CA TYR A 107 -1.91 11.99 6.51
C TYR A 107 -1.68 13.47 6.80
N LEU A 108 -1.90 13.89 8.05
CA LEU A 108 -1.64 15.28 8.42
C LEU A 108 -0.16 15.59 8.34
N MET A 109 0.68 14.57 8.54
CA MET A 109 2.12 14.73 8.42
C MET A 109 2.55 14.77 6.95
N LYS A 110 1.83 14.06 6.08
CA LYS A 110 2.21 13.95 4.68
C LYS A 110 1.74 15.14 3.87
N HIS A 111 0.46 15.51 4.00
CA HIS A 111 -0.14 16.51 3.12
C HIS A 111 -0.30 17.89 3.75
N THR A 112 -0.05 18.02 5.05
CA THR A 112 -0.09 19.32 5.71
C THR A 112 1.26 19.78 6.23
N ARG A 113 2.29 18.92 6.18
CA ARG A 113 3.63 19.25 6.64
C ARG A 113 3.65 19.64 8.12
N MET A 114 2.99 18.82 8.93
CA MET A 114 3.03 18.97 10.38
C MET A 114 4.07 18.01 10.95
N THR A 115 4.62 18.37 12.10
CA THR A 115 5.48 17.45 12.80
C THR A 115 4.63 16.41 13.51
N MET A 116 5.27 15.30 13.89
CA MET A 116 4.52 14.22 14.52
C MET A 116 3.84 14.68 15.80
N THR A 117 4.53 15.51 16.59
CA THR A 117 3.90 16.06 17.79
C THR A 117 2.81 17.05 17.44
N ASP A 118 3.07 17.95 16.48
CA ASP A 118 2.05 18.91 16.09
C ASP A 118 0.83 18.20 15.49
N ALA A 119 1.07 17.14 14.70
CA ALA A 119 -0.03 16.36 14.17
C ALA A 119 -0.74 15.59 15.27
N TYR A 120 0.01 15.05 16.23
CA TYR A 120 -0.59 14.33 17.35
C TYR A 120 -1.38 15.28 18.24
N LYS A 121 -0.82 16.45 18.56
CA LYS A 121 -1.54 17.43 19.36
C LYS A 121 -2.77 17.93 18.61
N PHE A 122 -2.74 17.91 17.28
CA PHE A 122 -3.88 18.36 16.49
C PHE A 122 -5.05 17.39 16.59
N VAL A 123 -4.78 16.09 16.45
CA VAL A 123 -5.84 15.10 16.56
C VAL A 123 -6.25 14.88 18.01
N LYS A 124 -5.31 14.97 18.96
CA LYS A 124 -5.63 14.78 20.36
C LYS A 124 -6.57 15.86 20.88
N GLY A 125 -6.44 17.08 20.38
CA GLY A 125 -7.33 18.16 20.80
C GLY A 125 -8.76 18.02 20.30
N LYS A 126 -8.95 17.31 19.20
CA LYS A 126 -10.28 17.12 18.61
C LYS A 126 -10.95 15.83 19.06
N ARG A 127 -10.17 14.78 19.33
CA ARG A 127 -10.68 13.56 19.95
C ARG A 127 -9.78 13.25 21.13
N PRO A 128 -10.19 13.61 22.34
CA PRO A 128 -9.27 13.50 23.49
C PRO A 128 -8.95 12.08 23.90
N ILE A 129 -9.72 11.08 23.49
CA ILE A 129 -9.53 9.70 23.95
C ILE A 129 -8.83 8.92 22.84
N ILE A 130 -7.54 8.63 23.05
CA ILE A 130 -6.73 7.87 22.11
C ILE A 130 -5.85 6.90 22.91
N SER A 131 -6.04 5.60 22.68
CA SER A 131 -5.25 4.63 23.40
C SER A 131 -3.81 4.63 22.89
N PRO A 132 -2.82 4.57 23.78
CA PRO A 132 -1.43 4.60 23.33
C PRO A 132 -0.97 3.27 22.76
N ASN A 133 -0.04 3.36 21.82
CA ASN A 133 0.56 2.18 21.20
C ASN A 133 2.00 2.53 20.86
N LEU A 134 2.95 1.93 21.60
CA LEU A 134 4.36 2.25 21.39
C LEU A 134 4.85 1.79 20.02
N ASN A 135 4.24 0.73 19.47
CA ASN A 135 4.62 0.26 18.14
C ASN A 135 4.28 1.33 17.10
N PHE A 136 3.03 1.79 17.10
CA PHE A 136 2.61 2.79 16.12
C PHE A 136 3.34 4.12 16.31
N MET A 137 3.70 4.47 17.55
CA MET A 137 4.47 5.69 17.76
C MET A 137 5.83 5.60 17.09
N GLY A 138 6.48 4.44 17.18
CA GLY A 138 7.76 4.27 16.52
C GLY A 138 7.65 4.31 15.01
N GLN A 139 6.59 3.72 14.46
CA GLN A 139 6.38 3.78 13.02
C GLN A 139 6.09 5.18 12.55
N LEU A 140 5.40 5.99 13.37
CA LEU A 140 5.19 7.39 13.01
C LEU A 140 6.49 8.19 13.09
N LEU A 141 7.36 7.85 14.04
CA LEU A 141 8.65 8.53 14.12
C LEU A 141 9.53 8.19 12.93
N GLU A 142 9.54 6.92 12.51
CA GLU A 142 10.24 6.53 11.30
C GLU A 142 9.63 7.19 10.08
N PHE A 143 8.32 7.44 10.11
CA PHE A 143 7.66 8.08 8.98
C PHE A 143 8.00 9.56 8.89
N GLU A 144 8.22 10.22 10.03
CA GLU A 144 8.57 11.64 10.01
C GLU A 144 9.94 11.89 9.42
N GLU A 145 10.94 11.09 9.80
CA GLU A 145 12.28 11.30 9.29
C GLU A 145 12.38 10.94 7.81
N ASP A 146 11.54 10.02 7.34
CA ASP A 146 11.48 9.76 5.91
C ASP A 146 10.87 10.94 5.16
N LEU A 147 9.97 11.69 5.82
CA LEU A 147 9.41 12.88 5.20
C LEU A 147 10.40 14.03 5.18
N ASN A 148 11.27 14.11 6.18
CA ASN A 148 12.27 15.16 6.25
C ASN A 148 13.45 14.93 5.31
N ASN A 149 13.59 13.72 4.76
CA ASN A 149 14.66 13.40 3.83
C ASN A 149 14.16 13.17 2.41
N GLY A 150 12.87 13.37 2.15
CA GLY A 150 12.34 13.29 0.81
C GLY A 150 11.93 11.90 0.37
N VAL A 151 11.36 11.11 1.27
CA VAL A 151 10.85 9.79 0.93
C VAL A 151 9.48 9.57 1.57
N ALA B 5 13.94 31.48 1.89
CA ALA B 5 13.43 30.95 0.63
C ALA B 5 14.56 30.70 -0.35
N GLU B 6 14.59 29.49 -0.91
CA GLU B 6 15.64 29.06 -1.84
C GLU B 6 14.99 28.62 -3.14
N LEU B 7 15.05 29.47 -4.16
CA LEU B 7 14.62 29.10 -5.50
C LEU B 7 15.76 28.35 -6.18
N THR B 8 15.62 27.04 -6.27
CA THR B 8 16.69 26.20 -6.81
C THR B 8 16.91 26.49 -8.29
N PRO B 9 18.10 26.90 -8.71
CA PRO B 9 18.34 27.10 -10.15
C PRO B 9 18.78 25.82 -10.83
N ILE B 10 17.86 25.15 -11.50
CA ILE B 10 18.20 23.93 -12.23
C ILE B 10 19.06 24.27 -13.45
N LEU B 11 18.61 25.20 -14.26
CA LEU B 11 19.34 25.73 -15.40
C LEU B 11 19.52 27.24 -15.24
N PRO B 12 20.42 27.86 -16.00
CA PRO B 12 20.61 29.32 -15.88
C PRO B 12 19.35 30.12 -16.15
N PHE B 13 18.35 29.55 -16.83
CA PHE B 13 17.10 30.23 -17.11
C PHE B 13 15.90 29.57 -16.45
N LEU B 14 16.08 28.39 -15.86
CA LEU B 14 14.99 27.62 -15.27
C LEU B 14 15.25 27.48 -13.78
N PHE B 15 14.29 27.90 -12.98
CA PHE B 15 14.38 27.83 -11.53
C PHE B 15 13.28 26.93 -11.00
N LEU B 16 13.52 26.33 -9.84
CA LEU B 16 12.57 25.39 -9.26
C LEU B 16 12.41 25.68 -7.78
N GLY B 17 11.17 25.62 -7.32
CA GLY B 17 10.90 25.90 -5.92
C GLY B 17 9.48 25.48 -5.57
N ASN B 18 9.08 25.81 -4.36
CA ASN B 18 7.72 25.56 -3.90
C ASN B 18 6.96 26.88 -3.88
N GLU B 19 5.76 26.86 -3.28
CA GLU B 19 4.93 28.06 -3.26
C GLU B 19 5.57 29.17 -2.44
N GLN B 20 6.25 28.81 -1.34
CA GLN B 20 6.88 29.83 -0.49
C GLN B 20 7.97 30.55 -1.25
N ASP B 21 8.69 29.84 -2.13
CA ASP B 21 9.67 30.50 -2.97
C ASP B 21 8.98 31.40 -4.00
N ALA B 22 7.73 31.08 -4.36
CA ALA B 22 6.99 31.82 -5.37
C ALA B 22 6.29 33.05 -4.83
N GLN B 23 6.15 33.20 -3.51
CA GLN B 23 5.49 34.36 -2.94
C GLN B 23 6.46 35.49 -2.63
N ASP B 24 7.75 35.30 -2.87
CA ASP B 24 8.76 36.33 -2.62
C ASP B 24 8.96 37.10 -3.91
N LEU B 25 8.42 38.33 -3.96
CA LEU B 25 8.46 39.11 -5.18
C LEU B 25 9.86 39.66 -5.45
N ASP B 26 10.59 40.02 -4.40
CA ASP B 26 11.90 40.66 -4.57
C ASP B 26 12.90 39.71 -5.22
N THR B 27 12.95 38.46 -4.75
CA THR B 27 13.89 37.49 -5.33
C THR B 27 13.52 37.16 -6.78
N MET B 28 12.23 37.11 -7.08
CA MET B 28 11.80 36.78 -8.43
C MET B 28 12.24 37.85 -9.42
N GLN B 29 12.32 39.11 -9.00
CA GLN B 29 12.81 40.17 -9.87
C GLN B 29 14.33 40.22 -9.87
N ARG B 30 14.96 39.87 -8.74
CA ARG B 30 16.41 39.82 -8.66
C ARG B 30 16.99 38.70 -9.50
N LEU B 31 16.21 37.64 -9.76
CA LEU B 31 16.64 36.54 -10.59
C LEU B 31 16.20 36.70 -12.04
N ASN B 32 15.55 37.81 -12.38
CA ASN B 32 15.19 38.17 -13.75
C ASN B 32 14.29 37.11 -14.39
N ILE B 33 13.25 36.71 -13.65
CA ILE B 33 12.25 35.79 -14.16
C ILE B 33 11.04 36.57 -14.63
N GLY B 34 10.45 36.13 -15.73
CA GLY B 34 9.26 36.77 -16.26
C GLY B 34 8.17 35.77 -16.60
N TYR B 35 8.42 34.50 -16.34
CA TYR B 35 7.48 33.43 -16.64
C TYR B 35 7.36 32.51 -15.43
N VAL B 36 6.13 32.17 -15.06
CA VAL B 36 5.85 31.28 -13.94
C VAL B 36 4.88 30.20 -14.39
N ILE B 37 5.16 28.96 -13.99
CA ILE B 37 4.28 27.83 -14.24
C ILE B 37 3.78 27.32 -12.90
N ASN B 38 2.47 27.30 -12.73
CA ASN B 38 1.82 26.84 -11.50
C ASN B 38 1.19 25.48 -11.77
N VAL B 39 1.79 24.41 -11.20
CA VAL B 39 1.31 23.06 -11.43
C VAL B 39 0.38 22.66 -10.30
N THR B 40 -0.62 23.49 -10.03
CA THR B 40 -1.62 23.21 -9.00
C THR B 40 -2.99 23.59 -9.55
N THR B 41 -4.03 23.08 -8.89
CA THR B 41 -5.39 23.45 -9.26
C THR B 41 -5.91 24.61 -8.42
N HIS B 42 -5.44 24.71 -7.17
CA HIS B 42 -6.03 25.62 -6.19
C HIS B 42 -5.15 26.80 -5.83
N LEU B 43 -3.85 26.76 -6.12
CA LEU B 43 -3.01 27.87 -5.70
C LEU B 43 -3.21 29.06 -6.65
N PRO B 44 -3.13 30.29 -6.13
CA PRO B 44 -3.29 31.45 -6.99
C PRO B 44 -2.02 31.75 -7.77
N LEU B 45 -2.21 32.41 -8.91
CA LEU B 45 -1.08 32.96 -9.66
C LEU B 45 -0.55 34.18 -8.92
N TYR B 46 0.58 34.00 -8.23
CA TYR B 46 1.08 35.04 -7.35
C TYR B 46 1.62 36.23 -8.15
N HIS B 47 1.33 37.44 -7.65
CA HIS B 47 1.75 38.70 -8.25
C HIS B 47 1.14 38.90 -9.63
N TYR B 48 -0.09 38.43 -9.83
CA TYR B 48 -0.76 38.60 -11.11
C TYR B 48 -1.29 40.02 -11.28
N GLU B 49 -1.79 40.62 -10.21
CA GLU B 49 -2.33 41.98 -10.27
C GLU B 49 -1.26 43.04 -10.52
N LYS B 50 0.02 42.66 -10.54
CA LYS B 50 1.10 43.61 -10.78
C LYS B 50 1.56 43.64 -12.23
N GLY B 51 1.08 42.72 -13.05
CA GLY B 51 1.41 42.72 -14.47
C GLY B 51 2.89 42.65 -14.76
N LEU B 52 3.60 41.75 -14.07
CA LEU B 52 5.04 41.62 -14.24
C LEU B 52 5.47 40.33 -14.91
N PHE B 53 4.65 39.29 -14.86
CA PHE B 53 5.03 37.98 -15.40
C PHE B 53 3.93 37.45 -16.31
N ASN B 54 4.31 36.52 -17.17
CA ASN B 54 3.38 35.73 -17.97
C ASN B 54 3.18 34.38 -17.30
N TYR B 55 1.92 34.01 -17.08
CA TYR B 55 1.56 32.84 -16.29
C TYR B 55 0.97 31.74 -17.15
N LYS B 56 1.22 30.49 -16.73
CA LYS B 56 0.55 29.31 -17.27
C LYS B 56 0.30 28.34 -16.13
N ARG B 57 -0.94 27.95 -15.95
CA ARG B 57 -1.32 27.02 -14.90
C ARG B 57 -1.53 25.64 -15.50
N LEU B 58 -0.91 24.63 -14.88
CA LEU B 58 -1.10 23.24 -15.27
C LEU B 58 -1.91 22.55 -14.19
N PRO B 59 -3.23 22.42 -14.36
CA PRO B 59 -4.06 21.86 -13.28
C PRO B 59 -3.76 20.39 -13.01
N ALA B 60 -2.85 20.13 -12.06
CA ALA B 60 -2.44 18.78 -11.73
C ALA B 60 -2.49 18.59 -10.22
N THR B 61 -2.78 17.36 -9.81
CA THR B 61 -2.78 16.96 -8.41
C THR B 61 -1.69 15.93 -8.17
N ASP B 62 -1.32 15.75 -6.91
CA ASP B 62 -0.28 14.78 -6.52
C ASP B 62 -0.91 13.42 -6.18
N SER B 63 -1.65 12.87 -7.14
CA SER B 63 -2.33 11.60 -6.97
C SER B 63 -1.60 10.52 -7.77
N ASN B 64 -2.06 9.27 -7.61
CA ASN B 64 -1.51 8.15 -8.35
C ASN B 64 -2.17 7.96 -9.70
N LYS B 65 -3.13 8.82 -10.06
CA LYS B 65 -3.81 8.74 -11.34
C LYS B 65 -3.68 10.01 -12.16
N GLN B 66 -2.97 11.02 -11.66
CA GLN B 66 -2.85 12.28 -12.37
C GLN B 66 -1.96 12.10 -13.60
N ASN B 67 -2.40 12.64 -14.73
CA ASN B 67 -1.68 12.57 -16.00
C ASN B 67 -0.85 13.83 -16.17
N LEU B 68 0.47 13.69 -16.15
CA LEU B 68 1.36 14.80 -16.43
C LEU B 68 1.90 14.79 -17.86
N ARG B 69 1.83 13.65 -18.55
CA ARG B 69 2.29 13.61 -19.94
C ARG B 69 1.50 14.57 -20.82
N GLN B 70 0.20 14.74 -20.54
CA GLN B 70 -0.63 15.62 -21.34
C GLN B 70 -0.18 17.07 -21.27
N TYR B 71 0.53 17.46 -20.22
CA TYR B 71 0.99 18.83 -20.04
C TYR B 71 2.44 19.03 -20.44
N PHE B 72 3.14 18.00 -20.92
CA PHE B 72 4.56 18.12 -21.18
C PHE B 72 4.84 19.09 -22.31
N GLU B 73 4.25 18.87 -23.48
CA GLU B 73 4.52 19.75 -24.61
C GLU B 73 3.96 21.15 -24.37
N GLU B 74 2.86 21.25 -23.63
CA GLU B 74 2.33 22.57 -23.28
C GLU B 74 3.30 23.30 -22.37
N ALA B 75 3.98 22.58 -21.47
CA ALA B 75 4.96 23.19 -20.59
C ALA B 75 6.31 23.42 -21.27
N PHE B 76 6.68 22.55 -22.21
CA PHE B 76 7.97 22.70 -22.87
C PHE B 76 8.06 24.00 -23.66
N GLU B 77 7.01 24.31 -24.43
CA GLU B 77 7.02 25.58 -25.16
C GLU B 77 6.94 26.78 -24.23
N PHE B 78 6.30 26.65 -23.07
CA PHE B 78 6.30 27.75 -22.10
C PHE B 78 7.70 27.98 -21.55
N ILE B 79 8.48 26.90 -21.39
CA ILE B 79 9.87 27.04 -20.98
C ILE B 79 10.70 27.55 -22.14
N GLU B 80 10.40 27.11 -23.37
CA GLU B 80 11.17 27.55 -24.52
C GLU B 80 10.89 29.00 -24.88
N GLU B 81 9.67 29.49 -24.64
CA GLU B 81 9.36 30.88 -24.95
C GLU B 81 10.05 31.81 -23.97
N ALA B 82 10.30 31.34 -22.75
CA ALA B 82 11.08 32.11 -21.78
C ALA B 82 12.57 31.99 -22.06
N HIS B 83 12.98 30.83 -22.56
CA HIS B 83 14.39 30.57 -22.84
C HIS B 83 14.93 31.46 -23.93
N GLN B 84 14.14 31.70 -24.98
CA GLN B 84 14.61 32.43 -26.15
C GLN B 84 14.56 33.95 -26.00
N CYS B 85 13.92 34.49 -24.97
CA CYS B 85 13.85 35.93 -24.82
C CYS B 85 14.69 36.46 -23.66
N GLY B 86 15.61 35.65 -23.14
CA GLY B 86 16.54 36.13 -22.14
C GLY B 86 15.95 36.35 -20.77
N LYS B 87 14.80 35.76 -20.49
CA LYS B 87 14.13 35.88 -19.20
C LYS B 87 14.14 34.54 -18.49
N GLY B 88 13.99 34.59 -17.17
CA GLY B 88 13.96 33.38 -16.39
C GLY B 88 12.56 32.84 -16.21
N LEU B 89 12.48 31.56 -15.88
CA LEU B 89 11.21 30.89 -15.66
C LEU B 89 11.24 30.20 -14.31
N LEU B 90 10.14 30.32 -13.58
CA LEU B 90 9.98 29.66 -12.28
C LEU B 90 8.89 28.62 -12.42
N ILE B 91 9.25 27.37 -12.16
CA ILE B 91 8.30 26.26 -12.15
C ILE B 91 8.15 25.81 -10.70
N HIS B 92 6.92 25.78 -10.22
CA HIS B 92 6.66 25.48 -8.83
C HIS B 92 5.33 24.76 -8.70
N CYS B 93 5.18 24.03 -7.59
CA CYS B 93 3.92 23.44 -7.20
C CYS B 93 3.78 23.58 -5.69
N GLN B 94 3.90 22.47 -4.97
CA GLN B 94 3.81 22.54 -3.52
C GLN B 94 5.08 22.04 -2.85
N ALA B 95 4.98 21.64 -1.59
CA ALA B 95 6.17 21.37 -0.77
C ALA B 95 7.05 20.28 -1.37
N GLY B 96 6.46 19.11 -1.64
CA GLY B 96 7.24 17.97 -2.09
C GLY B 96 7.83 18.10 -3.48
N VAL B 97 7.55 19.21 -4.18
CA VAL B 97 8.02 19.54 -5.53
C VAL B 97 7.91 18.33 -6.45
N SER B 98 6.96 17.44 -6.19
CA SER B 98 6.84 16.23 -6.99
C SER B 98 6.35 16.55 -8.40
N ARG B 99 5.33 17.40 -8.52
CA ARG B 99 4.79 17.72 -9.83
C ARG B 99 5.77 18.57 -10.63
N SER B 100 6.33 19.61 -10.01
CA SER B 100 7.19 20.52 -10.74
C SER B 100 8.50 19.86 -11.15
N ALA B 101 9.03 18.95 -10.31
CA ALA B 101 10.24 18.24 -10.68
C ALA B 101 9.99 17.23 -11.80
N THR B 102 8.75 16.78 -11.98
CA THR B 102 8.45 15.86 -13.07
C THR B 102 8.63 16.56 -14.42
N ILE B 103 8.21 17.82 -14.52
CA ILE B 103 8.38 18.56 -15.78
C ILE B 103 9.82 18.95 -15.97
N VAL B 104 10.51 19.34 -14.89
CA VAL B 104 11.91 19.72 -14.99
C VAL B 104 12.74 18.53 -15.46
N ILE B 105 12.49 17.35 -14.90
CA ILE B 105 13.18 16.15 -15.37
C ILE B 105 12.77 15.83 -16.81
N ALA B 106 11.47 15.95 -17.11
CA ALA B 106 11.01 15.70 -18.48
C ALA B 106 11.64 16.67 -19.46
N TYR B 107 11.83 17.93 -19.05
CA TYR B 107 12.48 18.90 -19.92
C TYR B 107 13.94 18.56 -20.13
N LEU B 108 14.65 18.17 -19.07
CA LEU B 108 16.05 17.78 -19.20
C LEU B 108 16.20 16.53 -20.05
N MET B 109 15.17 15.68 -20.07
CA MET B 109 15.20 14.48 -20.89
C MET B 109 14.96 14.80 -22.36
N LYS B 110 14.13 15.81 -22.65
CA LYS B 110 13.79 16.14 -24.02
C LYS B 110 14.82 17.06 -24.66
N HIS B 111 15.19 18.14 -23.97
CA HIS B 111 16.00 19.21 -24.56
C HIS B 111 17.46 19.18 -24.16
N THR B 112 17.85 18.33 -23.20
CA THR B 112 19.26 18.21 -22.81
C THR B 112 19.87 16.87 -23.14
N ARG B 113 19.06 15.90 -23.60
CA ARG B 113 19.54 14.57 -23.97
C ARG B 113 20.21 13.87 -22.79
N MET B 114 19.57 13.95 -21.63
CA MET B 114 19.99 13.23 -20.44
C MET B 114 19.11 11.99 -20.26
N THR B 115 19.67 11.00 -19.57
CA THR B 115 18.85 9.84 -19.22
C THR B 115 17.95 10.19 -18.03
N MET B 116 16.91 9.37 -17.85
CA MET B 116 15.95 9.62 -16.79
C MET B 116 16.61 9.62 -15.41
N THR B 117 17.55 8.69 -15.19
CA THR B 117 18.26 8.66 -13.92
C THR B 117 19.21 9.85 -13.78
N ASP B 118 19.96 10.17 -14.85
CA ASP B 118 20.87 11.30 -14.79
C ASP B 118 20.11 12.61 -14.58
N ALA B 119 18.93 12.73 -15.17
CA ALA B 119 18.12 13.93 -14.95
C ALA B 119 17.65 14.01 -13.50
N TYR B 120 17.31 12.87 -12.89
CA TYR B 120 16.93 12.86 -11.49
C TYR B 120 18.12 13.20 -10.60
N LYS B 121 19.27 12.59 -10.86
CA LYS B 121 20.47 12.88 -10.06
C LYS B 121 20.91 14.34 -10.23
N PHE B 122 20.61 14.94 -11.38
CA PHE B 122 20.95 16.35 -11.59
C PHE B 122 20.08 17.25 -10.74
N VAL B 123 18.78 16.99 -10.68
CA VAL B 123 17.87 17.80 -9.88
C VAL B 123 18.04 17.49 -8.39
N LYS B 124 18.32 16.23 -8.07
CA LYS B 124 18.47 15.84 -6.67
C LYS B 124 19.68 16.49 -6.01
N GLY B 125 20.75 16.71 -6.78
CA GLY B 125 21.94 17.36 -6.24
C GLY B 125 21.76 18.82 -5.92
N LYS B 126 20.82 19.50 -6.57
CA LYS B 126 20.59 20.92 -6.35
C LYS B 126 19.47 21.20 -5.37
N ARG B 127 18.47 20.32 -5.30
CA ARG B 127 17.42 20.39 -4.27
C ARG B 127 17.33 19.01 -3.63
N PRO B 128 17.94 18.82 -2.45
CA PRO B 128 18.03 17.47 -1.89
C PRO B 128 16.71 16.87 -1.44
N ILE B 129 15.68 17.67 -1.23
CA ILE B 129 14.40 17.18 -0.73
C ILE B 129 13.43 17.13 -1.90
N ILE B 130 13.12 15.91 -2.36
CA ILE B 130 12.17 15.68 -3.45
C ILE B 130 11.33 14.47 -3.06
N SER B 131 10.03 14.68 -2.87
CA SER B 131 9.15 13.60 -2.46
C SER B 131 8.89 12.64 -3.63
N PRO B 132 8.90 11.34 -3.39
CA PRO B 132 8.70 10.38 -4.47
C PRO B 132 7.24 10.21 -4.87
N ASN B 133 7.04 9.85 -6.12
CA ASN B 133 5.71 9.56 -6.66
C ASN B 133 5.86 8.46 -7.70
N LEU B 134 5.38 7.26 -7.38
CA LEU B 134 5.53 6.13 -8.30
C LEU B 134 4.73 6.33 -9.58
N ASN B 135 3.61 7.05 -9.52
CA ASN B 135 2.84 7.33 -10.72
C ASN B 135 3.63 8.22 -11.68
N PHE B 136 4.13 9.35 -11.19
CA PHE B 136 4.88 10.26 -12.05
C PHE B 136 6.18 9.62 -12.51
N MET B 137 6.79 8.80 -11.66
CA MET B 137 8.01 8.09 -12.04
C MET B 137 7.72 7.11 -13.17
N GLY B 138 6.56 6.44 -13.12
CA GLY B 138 6.19 5.54 -14.20
C GLY B 138 5.90 6.26 -15.50
N GLN B 139 5.26 7.43 -15.42
CA GLN B 139 4.98 8.21 -16.62
C GLN B 139 6.26 8.73 -17.26
N LEU B 140 7.28 9.03 -16.45
CA LEU B 140 8.56 9.41 -17.00
C LEU B 140 9.26 8.21 -17.66
N LEU B 141 9.06 7.02 -17.11
CA LEU B 141 9.62 5.82 -17.73
C LEU B 141 8.97 5.55 -19.08
N GLU B 142 7.65 5.72 -19.16
CA GLU B 142 6.96 5.62 -20.45
C GLU B 142 7.41 6.73 -21.39
N PHE B 143 7.75 7.89 -20.83
CA PHE B 143 8.23 9.01 -21.63
C PHE B 143 9.66 8.78 -22.11
N GLU B 144 10.48 8.06 -21.32
CA GLU B 144 11.86 7.82 -21.70
C GLU B 144 11.96 6.91 -22.92
N GLU B 145 11.15 5.85 -22.95
CA GLU B 145 11.19 4.93 -24.08
C GLU B 145 10.63 5.57 -25.35
N ASP B 146 9.75 6.55 -25.21
CA ASP B 146 9.24 7.27 -26.39
C ASP B 146 10.33 8.12 -27.05
N LEU B 147 11.29 8.62 -26.27
CA LEU B 147 12.37 9.42 -26.86
C LEU B 147 13.40 8.57 -27.58
N ASN B 148 13.63 7.33 -27.14
CA ASN B 148 14.65 6.49 -27.77
C ASN B 148 14.20 5.91 -29.10
N ASN B 149 12.89 5.85 -29.38
CA ASN B 149 12.40 5.35 -30.65
C ASN B 149 11.69 6.41 -31.49
N GLY B 150 11.65 7.66 -31.04
CA GLY B 150 10.98 8.73 -31.77
C GLY B 150 9.65 9.13 -31.17
N ALA C 5 -27.86 -24.42 10.40
CA ALA C 5 -26.54 -24.82 10.89
C ALA C 5 -26.14 -26.18 10.33
N GLU C 6 -26.01 -26.25 9.01
CA GLU C 6 -25.65 -27.49 8.31
C GLU C 6 -24.20 -27.38 7.87
N LEU C 7 -23.29 -27.91 8.69
CA LEU C 7 -21.87 -27.96 8.35
C LEU C 7 -21.59 -29.28 7.66
N THR C 8 -21.75 -29.29 6.34
CA THR C 8 -21.53 -30.49 5.55
C THR C 8 -20.06 -30.86 5.57
N PRO C 9 -19.70 -32.06 6.02
CA PRO C 9 -18.29 -32.46 6.02
C PRO C 9 -17.86 -33.05 4.68
N ILE C 10 -17.16 -32.25 3.89
CA ILE C 10 -16.65 -32.73 2.60
C ILE C 10 -15.59 -33.80 2.81
N LEU C 11 -14.61 -33.52 3.65
CA LEU C 11 -13.61 -34.48 4.08
C LEU C 11 -13.68 -34.54 5.60
N PRO C 12 -13.09 -35.55 6.25
CA PRO C 12 -13.15 -35.61 7.72
C PRO C 12 -12.58 -34.37 8.40
N PHE C 13 -11.74 -33.59 7.72
CA PHE C 13 -11.15 -32.38 8.28
C PHE C 13 -11.57 -31.10 7.57
N LEU C 14 -12.30 -31.18 6.47
CA LEU C 14 -12.68 -30.02 5.66
C LEU C 14 -14.19 -29.87 5.70
N PHE C 15 -14.66 -28.70 6.12
CA PHE C 15 -16.08 -28.39 6.22
C PHE C 15 -16.43 -27.21 5.33
N LEU C 16 -17.69 -27.15 4.93
CA LEU C 16 -18.18 -26.12 4.02
C LEU C 16 -19.52 -25.61 4.53
N GLY C 17 -19.74 -24.31 4.41
CA GLY C 17 -21.00 -23.75 4.87
C GLY C 17 -21.22 -22.35 4.36
N ASN C 18 -22.30 -21.74 4.83
CA ASN C 18 -22.68 -20.39 4.49
C ASN C 18 -22.39 -19.45 5.67
N GLU C 19 -22.91 -18.23 5.57
CA GLU C 19 -22.69 -17.23 6.61
C GLU C 19 -23.33 -17.63 7.93
N GLN C 20 -24.53 -18.20 7.89
CA GLN C 20 -25.18 -18.63 9.12
C GLN C 20 -24.48 -19.84 9.72
N ASP C 21 -23.91 -20.72 8.88
CA ASP C 21 -23.17 -21.85 9.42
C ASP C 21 -21.92 -21.40 10.17
N ALA C 22 -21.38 -20.23 9.82
CA ALA C 22 -20.17 -19.73 10.46
C ALA C 22 -20.46 -19.01 11.77
N GLN C 23 -21.70 -18.66 12.05
CA GLN C 23 -22.08 -17.95 13.26
C GLN C 23 -22.44 -18.89 14.41
N ASP C 24 -22.42 -20.20 14.18
CA ASP C 24 -22.76 -21.19 15.19
C ASP C 24 -21.46 -21.62 15.87
N LEU C 25 -21.23 -21.09 17.08
CA LEU C 25 -20.00 -21.36 17.79
C LEU C 25 -20.00 -22.75 18.42
N ASP C 26 -21.16 -23.19 18.92
CA ASP C 26 -21.23 -24.47 19.62
C ASP C 26 -20.95 -25.63 18.68
N THR C 27 -21.55 -25.60 17.49
CA THR C 27 -21.38 -26.71 16.53
C THR C 27 -19.95 -26.80 16.02
N MET C 28 -19.31 -25.65 15.78
CA MET C 28 -17.96 -25.67 15.23
C MET C 28 -16.95 -26.28 16.19
N GLN C 29 -17.14 -26.12 17.50
CA GLN C 29 -16.23 -26.75 18.46
C GLN C 29 -16.57 -28.22 18.70
N ARG C 30 -17.85 -28.59 18.58
CA ARG C 30 -18.20 -30.00 18.71
C ARG C 30 -17.64 -30.82 17.55
N LEU C 31 -17.40 -30.18 16.42
CA LEU C 31 -16.79 -30.81 15.25
C LEU C 31 -15.28 -30.60 15.20
N ASN C 32 -14.70 -29.97 16.23
CA ASN C 32 -13.25 -29.82 16.38
C ASN C 32 -12.64 -29.01 15.23
N ILE C 33 -13.22 -27.84 14.97
CA ILE C 33 -12.68 -26.89 14.00
C ILE C 33 -11.87 -25.85 14.74
N GLY C 34 -10.71 -25.49 14.19
CA GLY C 34 -9.88 -24.45 14.76
C GLY C 34 -9.41 -23.46 13.73
N TYR C 35 -9.82 -23.66 12.48
CA TYR C 35 -9.43 -22.81 11.37
C TYR C 35 -10.66 -22.42 10.54
N VAL C 36 -10.75 -21.14 10.19
CA VAL C 36 -11.85 -20.61 9.40
C VAL C 36 -11.29 -19.82 8.22
N ILE C 37 -11.89 -20.04 7.06
CA ILE C 37 -11.58 -19.29 5.85
C ILE C 37 -12.82 -18.48 5.49
N ASN C 38 -12.68 -17.16 5.44
CA ASN C 38 -13.77 -16.24 5.12
C ASN C 38 -13.56 -15.70 3.72
N VAL C 39 -14.38 -16.15 2.78
CA VAL C 39 -14.25 -15.75 1.38
C VAL C 39 -15.19 -14.60 1.08
N THR C 40 -15.15 -13.55 1.91
CA THR C 40 -15.93 -12.35 1.70
C THR C 40 -15.08 -11.13 2.01
N THR C 41 -15.53 -9.98 1.51
CA THR C 41 -14.89 -8.71 1.83
C THR C 41 -15.58 -7.99 2.99
N HIS C 42 -16.89 -8.19 3.15
CA HIS C 42 -17.71 -7.39 4.05
C HIS C 42 -18.20 -8.12 5.29
N LEU C 43 -18.17 -9.44 5.30
CA LEU C 43 -18.65 -10.17 6.47
C LEU C 43 -17.61 -10.14 7.58
N PRO C 44 -18.05 -10.11 8.84
CA PRO C 44 -17.10 -10.12 9.95
C PRO C 44 -16.54 -11.51 10.20
N LEU C 45 -15.33 -11.54 10.77
CA LEU C 45 -14.75 -12.78 11.25
C LEU C 45 -15.49 -13.16 12.54
N TYR C 46 -16.38 -14.15 12.43
CA TYR C 46 -17.25 -14.47 13.55
C TYR C 46 -16.47 -15.11 14.69
N HIS C 47 -16.78 -14.69 15.92
CA HIS C 47 -16.15 -15.21 17.13
C HIS C 47 -14.65 -14.92 17.15
N TYR C 48 -14.27 -13.77 16.61
CA TYR C 48 -12.86 -13.39 16.60
C TYR C 48 -12.40 -12.89 17.97
N GLU C 49 -13.27 -12.18 18.69
CA GLU C 49 -12.96 -11.66 20.01
C GLU C 49 -12.84 -12.74 21.07
N LYS C 50 -13.12 -14.00 20.74
CA LYS C 50 -13.05 -15.09 21.71
C LYS C 50 -11.74 -15.85 21.66
N GLY C 51 -10.90 -15.60 20.67
CA GLY C 51 -9.59 -16.23 20.58
C GLY C 51 -9.61 -17.74 20.54
N LEU C 52 -10.51 -18.31 19.73
CA LEU C 52 -10.65 -19.76 19.64
C LEU C 52 -10.19 -20.34 18.31
N PHE C 53 -10.17 -19.55 17.24
CA PHE C 53 -9.86 -20.06 15.92
C PHE C 53 -8.78 -19.21 15.26
N ASN C 54 -8.13 -19.79 14.25
CA ASN C 54 -7.22 -19.09 13.37
C ASN C 54 -7.97 -18.70 12.10
N TYR C 55 -7.94 -17.42 11.75
CA TYR C 55 -8.75 -16.89 10.67
C TYR C 55 -7.87 -16.51 9.48
N LYS C 56 -8.45 -16.65 8.29
CA LYS C 56 -7.87 -16.12 7.07
C LYS C 56 -9.01 -15.63 6.19
N ARG C 57 -8.98 -14.36 5.83
CA ARG C 57 -10.02 -13.75 5.02
C ARG C 57 -9.57 -13.66 3.56
N LEU C 58 -10.44 -14.11 2.65
CA LEU C 58 -10.19 -13.99 1.23
C LEU C 58 -11.13 -12.93 0.66
N PRO C 59 -10.68 -11.68 0.51
CA PRO C 59 -11.58 -10.62 0.05
C PRO C 59 -12.07 -10.81 -1.38
N ALA C 60 -13.19 -11.50 -1.53
CA ALA C 60 -13.75 -11.80 -2.84
C ALA C 60 -15.24 -11.44 -2.86
N THR C 61 -15.72 -11.08 -4.04
CA THR C 61 -17.13 -10.81 -4.28
C THR C 61 -17.70 -11.86 -5.22
N ASP C 62 -19.02 -11.98 -5.21
CA ASP C 62 -19.72 -12.96 -6.07
C ASP C 62 -20.16 -12.30 -7.38
N SER C 63 -19.18 -11.74 -8.09
CA SER C 63 -19.40 -11.03 -9.35
C SER C 63 -18.89 -11.87 -10.52
N ASN C 64 -19.09 -11.34 -11.73
CA ASN C 64 -18.63 -11.99 -12.95
C ASN C 64 -17.18 -11.65 -13.28
N LYS C 65 -16.52 -10.85 -12.46
CA LYS C 65 -15.15 -10.45 -12.69
C LYS C 65 -14.21 -10.84 -11.56
N GLN C 66 -14.72 -11.49 -10.51
CA GLN C 66 -13.90 -11.82 -9.36
C GLN C 66 -12.89 -12.92 -9.70
N ASN C 67 -11.66 -12.72 -9.28
CA ASN C 67 -10.59 -13.70 -9.46
C ASN C 67 -10.49 -14.54 -8.19
N LEU C 68 -10.85 -15.82 -8.29
CA LEU C 68 -10.69 -16.75 -7.20
C LEU C 68 -9.45 -17.62 -7.33
N ARG C 69 -8.88 -17.70 -8.54
CA ARG C 69 -7.66 -18.47 -8.76
C ARG C 69 -6.51 -17.94 -7.90
N GLN C 70 -6.48 -16.62 -7.68
CA GLN C 70 -5.39 -16.02 -6.91
C GLN C 70 -5.36 -16.50 -5.46
N TYR C 71 -6.48 -16.99 -4.93
CA TYR C 71 -6.55 -17.43 -3.54
C TYR C 71 -6.41 -18.93 -3.36
N PHE C 72 -6.18 -19.69 -4.44
CA PHE C 72 -6.16 -21.14 -4.32
C PHE C 72 -5.00 -21.64 -3.46
N GLU C 73 -3.77 -21.27 -3.82
CA GLU C 73 -2.61 -21.75 -3.09
C GLU C 73 -2.55 -21.18 -1.67
N GLU C 74 -3.04 -19.97 -1.47
CA GLU C 74 -3.09 -19.40 -0.13
C GLU C 74 -4.06 -20.19 0.76
N ALA C 75 -5.16 -20.67 0.19
CA ALA C 75 -6.12 -21.46 0.96
C ALA C 75 -5.65 -22.90 1.14
N PHE C 76 -4.92 -23.43 0.16
CA PHE C 76 -4.41 -24.80 0.29
C PHE C 76 -3.43 -24.90 1.44
N GLU C 77 -2.54 -23.91 1.61
CA GLU C 77 -1.61 -23.93 2.73
C GLU C 77 -2.34 -23.79 4.06
N PHE C 78 -3.45 -23.04 4.08
CA PHE C 78 -4.24 -22.95 5.30
C PHE C 78 -4.95 -24.25 5.61
N ILE C 79 -5.39 -24.98 4.57
CA ILE C 79 -6.01 -26.28 4.79
C ILE C 79 -4.97 -27.31 5.21
N GLU C 80 -3.75 -27.21 4.66
CA GLU C 80 -2.70 -28.15 5.03
C GLU C 80 -2.23 -27.93 6.45
N GLU C 81 -2.26 -26.68 6.92
CA GLU C 81 -1.84 -26.38 8.29
C GLU C 81 -2.83 -26.89 9.31
N ALA C 82 -4.12 -26.97 8.95
CA ALA C 82 -5.13 -27.48 9.88
C ALA C 82 -5.14 -29.00 9.94
N HIS C 83 -4.86 -29.68 8.82
CA HIS C 83 -4.90 -31.13 8.80
C HIS C 83 -3.79 -31.74 9.64
N GLN C 84 -2.60 -31.14 9.62
CA GLN C 84 -1.45 -31.75 10.27
C GLN C 84 -1.47 -31.62 11.78
N CYS C 85 -2.35 -30.79 12.34
CA CYS C 85 -2.46 -30.64 13.79
C CYS C 85 -3.77 -31.23 14.34
N GLY C 86 -4.48 -32.01 13.53
CA GLY C 86 -5.67 -32.70 14.01
C GLY C 86 -6.88 -31.82 14.20
N LYS C 87 -6.93 -30.65 13.57
CA LYS C 87 -8.06 -29.75 13.68
C LYS C 87 -8.80 -29.64 12.36
N GLY C 88 -10.07 -29.25 12.45
CA GLY C 88 -10.90 -29.09 11.28
C GLY C 88 -10.88 -27.67 10.75
N LEU C 89 -11.27 -27.52 9.49
CA LEU C 89 -11.30 -26.21 8.84
C LEU C 89 -12.68 -25.99 8.25
N LEU C 90 -13.21 -24.79 8.45
CA LEU C 90 -14.48 -24.37 7.88
C LEU C 90 -14.24 -23.22 6.91
N ILE C 91 -14.61 -23.44 5.65
CA ILE C 91 -14.53 -22.40 4.62
C ILE C 91 -15.95 -22.02 4.23
N HIS C 92 -16.25 -20.72 4.26
CA HIS C 92 -17.61 -20.26 4.05
C HIS C 92 -17.58 -18.94 3.30
N CYS C 93 -18.72 -18.61 2.69
CA CYS C 93 -18.93 -17.29 2.10
C CYS C 93 -20.36 -16.84 2.39
N GLN C 94 -21.21 -16.79 1.36
CA GLN C 94 -22.58 -16.37 1.57
C GLN C 94 -23.58 -17.46 1.19
N ALA C 95 -24.83 -17.05 0.91
CA ALA C 95 -25.93 -18.01 0.78
C ALA C 95 -25.67 -19.06 -0.29
N GLY C 96 -25.34 -18.62 -1.51
CA GLY C 96 -25.17 -19.55 -2.60
C GLY C 96 -23.97 -20.47 -2.49
N VAL C 97 -23.13 -20.28 -1.47
CA VAL C 97 -21.91 -21.06 -1.24
C VAL C 97 -21.10 -21.17 -2.53
N SER C 98 -21.23 -20.18 -3.42
CA SER C 98 -20.56 -20.25 -4.70
C SER C 98 -19.04 -20.08 -4.56
N ARG C 99 -18.62 -19.12 -3.73
CA ARG C 99 -17.19 -18.84 -3.60
C ARG C 99 -16.46 -19.94 -2.86
N SER C 100 -17.01 -20.35 -1.71
CA SER C 100 -16.32 -21.33 -0.87
C SER C 100 -16.31 -22.72 -1.49
N ALA C 101 -17.36 -23.09 -2.22
CA ALA C 101 -17.37 -24.38 -2.90
C ALA C 101 -16.39 -24.42 -4.06
N THR C 102 -16.05 -23.27 -4.64
CA THR C 102 -15.05 -23.26 -5.72
C THR C 102 -13.68 -23.66 -5.21
N ILE C 103 -13.31 -23.21 -4.00
CA ILE C 103 -12.03 -23.59 -3.43
C ILE C 103 -12.05 -25.04 -2.98
N VAL C 104 -13.18 -25.48 -2.40
CA VAL C 104 -13.32 -26.87 -1.95
C VAL C 104 -13.17 -27.83 -3.12
N ILE C 105 -13.82 -27.53 -4.25
CA ILE C 105 -13.66 -28.36 -5.44
C ILE C 105 -12.23 -28.30 -5.95
N ALA C 106 -11.62 -27.11 -5.92
CA ALA C 106 -10.23 -26.97 -6.34
C ALA C 106 -9.30 -27.79 -5.44
N TYR C 107 -9.60 -27.87 -4.14
CA TYR C 107 -8.78 -28.68 -3.25
C TYR C 107 -8.93 -30.16 -3.55
N LEU C 108 -10.16 -30.62 -3.80
CA LEU C 108 -10.37 -32.02 -4.15
C LEU C 108 -9.71 -32.36 -5.48
N MET C 109 -9.58 -31.39 -6.37
CA MET C 109 -8.93 -31.63 -7.66
C MET C 109 -7.41 -31.72 -7.52
N LYS C 110 -6.83 -30.94 -6.61
CA LYS C 110 -5.37 -30.90 -6.51
C LYS C 110 -4.82 -32.02 -5.63
N HIS C 111 -5.41 -32.21 -4.45
CA HIS C 111 -4.84 -33.11 -3.45
C HIS C 111 -5.49 -34.48 -3.42
N THR C 112 -6.59 -34.68 -4.14
CA THR C 112 -7.20 -35.99 -4.26
C THR C 112 -7.10 -36.53 -5.68
N ARG C 113 -6.67 -35.70 -6.64
CA ARG C 113 -6.53 -36.10 -8.04
C ARG C 113 -7.88 -36.57 -8.59
N MET C 114 -8.90 -35.78 -8.31
CA MET C 114 -10.24 -36.01 -8.83
C MET C 114 -10.48 -35.13 -10.05
N THR C 115 -11.38 -35.57 -10.91
CA THR C 115 -11.75 -34.73 -12.03
C THR C 115 -12.69 -33.62 -11.55
N MET C 116 -12.78 -32.57 -12.36
CA MET C 116 -13.58 -31.41 -12.00
C MET C 116 -15.06 -31.78 -11.86
N THR C 117 -15.56 -32.66 -12.73
CA THR C 117 -16.95 -33.11 -12.61
C THR C 117 -17.14 -34.00 -11.39
N ASP C 118 -16.24 -34.95 -11.17
CA ASP C 118 -16.35 -35.83 -10.01
C ASP C 118 -16.23 -35.05 -8.70
N ALA C 119 -15.36 -34.03 -8.68
CA ALA C 119 -15.25 -33.18 -7.49
C ALA C 119 -16.53 -32.39 -7.28
N TYR C 120 -17.15 -31.93 -8.37
CA TYR C 120 -18.42 -31.22 -8.27
C TYR C 120 -19.53 -32.14 -7.80
N LYS C 121 -19.62 -33.34 -8.38
CA LYS C 121 -20.64 -34.29 -7.94
C LYS C 121 -20.40 -34.75 -6.51
N PHE C 122 -19.14 -34.73 -6.06
CA PHE C 122 -18.83 -35.14 -4.69
C PHE C 122 -19.35 -34.12 -3.68
N VAL C 123 -19.12 -32.83 -3.93
CA VAL C 123 -19.60 -31.81 -3.00
C VAL C 123 -21.11 -31.64 -3.13
N LYS C 124 -21.64 -31.78 -4.36
CA LYS C 124 -23.08 -31.64 -4.56
C LYS C 124 -23.85 -32.77 -3.89
N GLY C 125 -23.27 -33.97 -3.83
CA GLY C 125 -23.97 -35.07 -3.19
C GLY C 125 -24.07 -34.88 -1.69
N LYS C 126 -23.15 -34.13 -1.10
CA LYS C 126 -23.17 -33.83 0.32
C LYS C 126 -23.81 -32.48 0.63
N ARG C 127 -23.68 -31.52 -0.28
CA ARG C 127 -24.39 -30.24 -0.18
C ARG C 127 -25.11 -30.00 -1.49
N PRO C 128 -26.39 -30.35 -1.59
CA PRO C 128 -27.08 -30.27 -2.89
C PRO C 128 -27.39 -28.86 -3.37
N ILE C 129 -27.39 -27.85 -2.51
CA ILE C 129 -27.78 -26.51 -2.90
C ILE C 129 -26.50 -25.69 -3.08
N ILE C 130 -26.16 -25.40 -4.34
CA ILE C 130 -24.99 -24.61 -4.70
C ILE C 130 -25.39 -23.68 -5.84
N SER C 131 -25.29 -22.37 -5.61
CA SER C 131 -25.67 -21.42 -6.65
C SER C 131 -24.65 -21.44 -7.78
N PRO C 132 -25.09 -21.43 -9.03
CA PRO C 132 -24.15 -21.48 -10.16
C PRO C 132 -23.48 -20.14 -10.42
N ASN C 133 -22.26 -20.22 -10.94
CA ASN C 133 -21.50 -19.04 -11.34
C ASN C 133 -20.65 -19.43 -12.53
N LEU C 134 -20.99 -18.90 -13.72
CA LEU C 134 -20.28 -19.28 -14.93
C LEU C 134 -18.83 -18.81 -14.90
N ASN C 135 -18.55 -17.71 -14.20
CA ASN C 135 -17.17 -17.24 -14.07
C ASN C 135 -16.33 -18.24 -13.28
N PHE C 136 -16.82 -18.67 -12.11
CA PHE C 136 -16.07 -19.62 -11.30
C PHE C 136 -15.95 -20.98 -11.98
N MET C 137 -16.94 -21.38 -12.78
CA MET C 137 -16.82 -22.64 -13.52
C MET C 137 -15.66 -22.57 -14.50
N GLY C 138 -15.48 -21.43 -15.16
CA GLY C 138 -14.38 -21.29 -16.10
C GLY C 138 -13.03 -21.31 -15.42
N GLN C 139 -12.94 -20.71 -14.22
CA GLN C 139 -11.69 -20.73 -13.49
C GLN C 139 -11.33 -22.15 -13.05
N LEU C 140 -12.34 -22.97 -12.74
CA LEU C 140 -12.08 -24.37 -12.45
C LEU C 140 -11.70 -25.14 -13.72
N LEU C 141 -12.29 -24.78 -14.85
CA LEU C 141 -11.93 -25.42 -16.11
C LEU C 141 -10.49 -25.10 -16.50
N GLU C 142 -10.07 -23.84 -16.32
CA GLU C 142 -8.67 -23.50 -16.51
C GLU C 142 -7.79 -24.18 -15.46
N PHE C 143 -8.33 -24.40 -14.26
CA PHE C 143 -7.55 -25.05 -13.22
C PHE C 143 -7.40 -26.55 -13.48
N GLU C 144 -8.39 -27.17 -14.11
CA GLU C 144 -8.28 -28.60 -14.42
C GLU C 144 -7.20 -28.83 -15.47
N GLU C 145 -7.17 -28.01 -16.51
CA GLU C 145 -6.17 -28.17 -17.56
C GLU C 145 -4.78 -27.83 -17.07
N ASP C 146 -4.67 -26.92 -16.09
CA ASP C 146 -3.38 -26.63 -15.48
C ASP C 146 -2.90 -27.79 -14.61
N LEU C 147 -3.82 -28.55 -14.02
CA LEU C 147 -3.42 -29.68 -13.19
C LEU C 147 -2.94 -30.86 -14.03
N ASN C 148 -3.48 -31.04 -15.24
CA ASN C 148 -3.07 -32.14 -16.09
C ASN C 148 -1.72 -31.91 -16.74
N ASN C 149 -1.22 -30.67 -16.75
CA ASN C 149 0.08 -30.37 -17.32
C ASN C 149 1.06 -29.95 -16.23
N ALA D 5 2.19 -20.73 -11.89
CA ALA D 5 3.48 -21.21 -11.41
C ALA D 5 4.53 -21.10 -12.50
N GLU D 6 4.81 -19.88 -12.93
CA GLU D 6 5.76 -19.60 -14.01
C GLU D 6 7.11 -19.23 -13.40
N LEU D 7 8.07 -20.15 -13.50
CA LEU D 7 9.44 -19.89 -13.04
C LEU D 7 10.12 -19.01 -14.09
N THR D 8 10.38 -17.76 -13.75
CA THR D 8 10.82 -16.78 -14.74
C THR D 8 12.31 -16.96 -15.05
N PRO D 9 12.68 -17.22 -16.30
CA PRO D 9 14.09 -17.31 -16.65
C PRO D 9 14.67 -15.96 -17.04
N ILE D 10 15.37 -15.31 -16.11
CA ILE D 10 16.01 -14.03 -16.42
C ILE D 10 17.20 -14.25 -17.34
N LEU D 11 18.10 -15.13 -16.96
CA LEU D 11 19.22 -15.57 -17.78
C LEU D 11 19.17 -17.08 -17.95
N PRO D 12 19.90 -17.64 -18.92
CA PRO D 12 19.90 -19.11 -19.06
C PRO D 12 20.41 -19.85 -17.84
N PHE D 13 21.18 -19.20 -16.96
CA PHE D 13 21.67 -19.83 -15.75
C PHE D 13 21.14 -19.17 -14.48
N LEU D 14 20.46 -18.02 -14.59
CA LEU D 14 19.94 -17.29 -13.45
C LEU D 14 18.42 -17.27 -13.57
N PHE D 15 17.74 -17.78 -12.56
CA PHE D 15 16.29 -17.85 -12.54
C PHE D 15 15.74 -17.06 -11.36
N LEU D 16 14.51 -16.59 -11.51
CA LEU D 16 13.85 -15.75 -10.52
C LEU D 16 12.41 -16.21 -10.37
N GLY D 17 11.93 -16.24 -9.12
CA GLY D 17 10.57 -16.66 -8.87
C GLY D 17 10.16 -16.29 -7.47
N ASN D 18 8.96 -16.72 -7.12
CA ASN D 18 8.39 -16.52 -5.79
C ASN D 18 8.42 -17.84 -5.03
N GLU D 19 7.70 -17.88 -3.91
CA GLU D 19 7.67 -19.07 -3.07
C GLU D 19 7.05 -20.26 -3.80
N GLN D 20 6.01 -20.00 -4.61
CA GLN D 20 5.37 -21.10 -5.34
C GLN D 20 6.28 -21.68 -6.41
N ASP D 21 7.12 -20.85 -7.04
CA ASP D 21 8.05 -21.34 -8.05
C ASP D 21 9.12 -22.23 -7.44
N ALA D 22 9.45 -22.04 -6.16
CA ALA D 22 10.50 -22.81 -5.53
C ALA D 22 10.03 -24.17 -5.03
N GLN D 23 8.72 -24.40 -4.94
CA GLN D 23 8.19 -25.67 -4.44
C GLN D 23 7.93 -26.68 -5.55
N ASP D 24 8.15 -26.32 -6.82
CA ASP D 24 7.92 -27.22 -7.94
C ASP D 24 9.24 -27.90 -8.27
N LEU D 25 9.39 -29.17 -7.88
CA LEU D 25 10.65 -29.87 -8.07
C LEU D 25 10.88 -30.28 -9.51
N ASP D 26 9.82 -30.62 -10.24
CA ASP D 26 10.00 -31.13 -11.61
C ASP D 26 10.60 -30.06 -12.52
N THR D 27 10.10 -28.83 -12.45
CA THR D 27 10.65 -27.77 -13.29
C THR D 27 12.08 -27.44 -12.90
N MET D 28 12.39 -27.50 -11.61
CA MET D 28 13.74 -27.18 -11.15
C MET D 28 14.76 -28.17 -11.69
N GLN D 29 14.38 -29.43 -11.90
CA GLN D 29 15.29 -30.42 -12.45
C GLN D 29 15.35 -30.35 -13.98
N ARG D 30 14.24 -29.97 -14.64
CA ARG D 30 14.25 -29.84 -16.08
C ARG D 30 15.06 -28.65 -16.54
N LEU D 31 15.23 -27.64 -15.69
CA LEU D 31 16.04 -26.47 -16.01
C LEU D 31 17.47 -26.58 -15.50
N ASN D 32 17.83 -27.70 -14.87
CA ASN D 32 19.20 -28.00 -14.47
C ASN D 32 19.76 -26.94 -13.51
N ILE D 33 19.00 -26.64 -12.47
CA ILE D 33 19.45 -25.75 -11.41
C ILE D 33 19.96 -26.60 -10.25
N GLY D 34 21.05 -26.17 -9.63
CA GLY D 34 21.62 -26.89 -8.50
C GLY D 34 21.94 -25.98 -7.34
N TYR D 35 21.61 -24.70 -7.47
CA TYR D 35 21.88 -23.70 -6.45
C TYR D 35 20.61 -22.89 -6.21
N VAL D 36 20.29 -22.65 -4.94
CA VAL D 36 19.11 -21.90 -4.55
C VAL D 36 19.53 -20.81 -3.58
N ILE D 37 19.03 -19.60 -3.79
CA ILE D 37 19.23 -18.47 -2.88
C ILE D 37 17.87 -18.11 -2.31
N ASN D 38 17.74 -18.22 -0.99
CA ASN D 38 16.50 -17.90 -0.30
C ASN D 38 16.73 -16.58 0.45
N VAL D 39 16.13 -15.50 -0.05
CA VAL D 39 16.34 -14.19 0.53
C VAL D 39 15.21 -13.91 1.51
N THR D 40 14.98 -14.85 2.42
CA THR D 40 13.98 -14.70 3.47
C THR D 40 14.55 -15.25 4.77
N THR D 41 13.91 -14.88 5.87
CA THR D 41 14.25 -15.44 7.17
C THR D 41 13.38 -16.63 7.54
N HIS D 42 12.14 -16.67 7.03
CA HIS D 42 11.14 -17.61 7.49
C HIS D 42 10.82 -18.73 6.50
N LEU D 43 11.15 -18.57 5.23
CA LEU D 43 10.80 -19.64 4.30
C LEU D 43 11.80 -20.79 4.42
N PRO D 44 11.33 -22.02 4.24
CA PRO D 44 12.23 -23.18 4.36
C PRO D 44 13.09 -23.37 3.12
N LEU D 45 14.23 -24.00 3.32
CA LEU D 45 15.06 -24.46 2.22
C LEU D 45 14.37 -25.67 1.59
N TYR D 46 13.72 -25.47 0.45
CA TYR D 46 12.90 -26.52 -0.15
C TYR D 46 13.76 -27.63 -0.73
N HIS D 47 13.31 -28.88 -0.51
CA HIS D 47 13.98 -30.07 -1.03
C HIS D 47 15.39 -30.20 -0.47
N TYR D 48 15.56 -29.81 0.79
CA TYR D 48 16.87 -29.88 1.43
C TYR D 48 17.24 -31.30 1.84
N GLU D 49 16.26 -32.07 2.34
CA GLU D 49 16.53 -33.44 2.77
C GLU D 49 16.81 -34.39 1.60
N LYS D 50 16.72 -33.92 0.37
CA LYS D 50 16.96 -34.75 -0.80
C LYS D 50 18.38 -34.63 -1.34
N GLY D 51 19.16 -33.68 -0.81
CA GLY D 51 20.56 -33.54 -1.19
C GLY D 51 20.78 -33.29 -2.66
N LEU D 52 20.01 -32.39 -3.25
CA LEU D 52 20.10 -32.10 -4.68
C LEU D 52 20.68 -30.72 -4.98
N PHE D 53 20.59 -29.77 -4.05
CA PHE D 53 21.00 -28.41 -4.32
C PHE D 53 21.92 -27.91 -3.22
N ASN D 54 22.71 -26.89 -3.56
CA ASN D 54 23.48 -26.13 -2.58
C ASN D 54 22.71 -24.86 -2.25
N TYR D 55 22.51 -24.61 -0.96
CA TYR D 55 21.64 -23.52 -0.51
C TYR D 55 22.46 -22.42 0.13
N LYS D 56 21.98 -21.19 -0.02
CA LYS D 56 22.50 -20.04 0.70
C LYS D 56 21.33 -19.15 1.06
N ARG D 57 21.14 -18.91 2.35
CA ARG D 57 20.03 -18.11 2.84
C ARG D 57 20.52 -16.70 3.16
N LEU D 58 19.79 -15.71 2.66
CA LEU D 58 20.07 -14.31 2.97
C LEU D 58 18.99 -13.81 3.91
N PRO D 59 19.22 -13.79 5.22
CA PRO D 59 18.16 -13.42 6.16
C PRO D 59 17.75 -11.96 6.05
N ALA D 60 16.75 -11.68 5.21
CA ALA D 60 16.29 -10.33 4.95
C ALA D 60 14.77 -10.27 5.07
N THR D 61 14.29 -9.09 5.45
CA THR D 61 12.86 -8.78 5.49
C THR D 61 12.55 -7.70 4.46
N ASP D 62 11.29 -7.63 4.05
CA ASP D 62 10.84 -6.62 3.09
C ASP D 62 10.27 -5.41 3.82
N SER D 63 11.12 -4.81 4.64
CA SER D 63 10.78 -3.68 5.48
C SER D 63 11.34 -2.38 4.88
N ASN D 64 11.06 -1.26 5.54
CA ASN D 64 11.55 0.04 5.07
C ASN D 64 12.97 0.35 5.51
N LYS D 65 13.61 -0.53 6.28
CA LYS D 65 14.96 -0.29 6.74
C LYS D 65 15.93 -1.41 6.38
N GLN D 66 15.48 -2.43 5.66
CA GLN D 66 16.32 -3.59 5.37
C GLN D 66 17.48 -3.23 4.45
N ASN D 67 18.67 -3.71 4.80
CA ASN D 67 19.87 -3.51 4.00
C ASN D 67 20.05 -4.75 3.13
N LEU D 68 19.88 -4.59 1.82
CA LEU D 68 20.12 -5.69 0.89
C LEU D 68 21.47 -5.61 0.19
N ARG D 69 22.10 -4.43 0.17
CA ARG D 69 23.42 -4.32 -0.44
C ARG D 69 24.45 -5.18 0.29
N GLN D 70 24.29 -5.35 1.60
CA GLN D 70 25.26 -6.13 2.37
C GLN D 70 25.33 -7.58 1.92
N TYR D 71 24.30 -8.09 1.25
CA TYR D 71 24.27 -9.46 0.78
C TYR D 71 24.61 -9.57 -0.71
N PHE D 72 24.95 -8.45 -1.36
CA PHE D 72 25.21 -8.48 -2.80
C PHE D 72 26.45 -9.30 -3.12
N GLU D 73 27.57 -8.97 -2.48
CA GLU D 73 28.83 -9.67 -2.77
C GLU D 73 28.76 -11.14 -2.36
N GLU D 74 27.98 -11.44 -1.32
CA GLU D 74 27.78 -12.84 -0.93
C GLU D 74 27.02 -13.61 -2.00
N ALA D 75 26.05 -12.96 -2.65
CA ALA D 75 25.26 -13.63 -3.67
C ALA D 75 25.94 -13.68 -5.04
N PHE D 76 26.74 -12.66 -5.38
CA PHE D 76 27.37 -12.64 -6.70
C PHE D 76 28.34 -13.80 -6.91
N GLU D 77 29.19 -14.09 -5.92
CA GLU D 77 30.08 -15.24 -6.06
C GLU D 77 29.31 -16.55 -6.04
N PHE D 78 28.18 -16.59 -5.32
CA PHE D 78 27.34 -17.79 -5.35
C PHE D 78 26.73 -17.99 -6.74
N ILE D 79 26.39 -16.91 -7.42
CA ILE D 79 25.92 -17.02 -8.80
C ILE D 79 27.08 -17.37 -9.73
N GLU D 80 28.27 -16.84 -9.45
CA GLU D 80 29.42 -17.13 -10.29
C GLU D 80 29.93 -18.55 -10.13
N GLU D 81 29.82 -19.14 -8.93
CA GLU D 81 30.28 -20.51 -8.77
C GLU D 81 29.32 -21.48 -9.46
N ALA D 82 28.05 -21.11 -9.58
CA ALA D 82 27.12 -21.93 -10.35
C ALA D 82 27.34 -21.74 -11.84
N HIS D 83 27.74 -20.53 -12.25
CA HIS D 83 28.01 -20.27 -13.66
C HIS D 83 29.24 -21.04 -14.12
N GLN D 84 30.26 -21.15 -13.27
CA GLN D 84 31.51 -21.79 -13.64
C GLN D 84 31.44 -23.32 -13.59
N CYS D 85 30.42 -23.90 -12.96
CA CYS D 85 30.29 -25.35 -12.90
C CYS D 85 29.11 -25.85 -13.73
N GLY D 86 28.54 -25.00 -14.59
CA GLY D 86 27.52 -25.44 -15.51
C GLY D 86 26.14 -25.69 -14.92
N LYS D 87 25.86 -25.15 -13.74
CA LYS D 87 24.57 -25.34 -13.09
C LYS D 87 23.80 -24.03 -13.01
N GLY D 88 22.48 -24.16 -12.86
CA GLY D 88 21.61 -23.00 -12.74
C GLY D 88 21.36 -22.61 -11.29
N LEU D 89 20.92 -21.37 -11.10
CA LEU D 89 20.63 -20.84 -9.77
C LEU D 89 19.22 -20.25 -9.74
N LEU D 90 18.50 -20.56 -8.66
CA LEU D 90 17.16 -20.02 -8.41
C LEU D 90 17.20 -19.14 -7.18
N ILE D 91 16.85 -17.86 -7.35
CA ILE D 91 16.75 -16.91 -6.24
C ILE D 91 15.29 -16.50 -6.11
N HIS D 92 14.74 -16.62 -4.90
CA HIS D 92 13.32 -16.37 -4.69
C HIS D 92 13.11 -15.75 -3.32
N CYS D 93 11.97 -15.09 -3.16
CA CYS D 93 11.56 -14.59 -1.86
C CYS D 93 10.06 -14.80 -1.65
N GLN D 94 9.28 -13.73 -1.68
CA GLN D 94 7.85 -13.87 -1.45
C GLN D 94 7.04 -13.43 -2.67
N ALA D 95 5.76 -13.11 -2.45
CA ALA D 95 4.83 -12.89 -3.55
C ALA D 95 5.31 -11.77 -4.47
N GLY D 96 5.60 -10.60 -3.90
CA GLY D 96 5.98 -9.45 -4.70
C GLY D 96 7.33 -9.53 -5.37
N VAL D 97 8.10 -10.61 -5.12
CA VAL D 97 9.42 -10.80 -5.69
C VAL D 97 10.28 -9.54 -5.51
N SER D 98 10.01 -8.77 -4.46
CA SER D 98 10.72 -7.50 -4.28
C SER D 98 12.18 -7.73 -3.89
N ARG D 99 12.44 -8.64 -2.96
CA ARG D 99 13.81 -8.84 -2.51
C ARG D 99 14.66 -9.53 -3.57
N SER D 100 14.14 -10.61 -4.16
CA SER D 100 14.95 -11.38 -5.11
C SER D 100 15.20 -10.60 -6.39
N ALA D 101 14.24 -9.78 -6.83
CA ALA D 101 14.48 -8.97 -8.03
C ALA D 101 15.50 -7.88 -7.78
N THR D 102 15.69 -7.45 -6.52
CA THR D 102 16.71 -6.45 -6.23
C THR D 102 18.11 -6.99 -6.47
N ILE D 103 18.35 -8.26 -6.10
CA ILE D 103 19.66 -8.85 -6.34
C ILE D 103 19.86 -9.16 -7.81
N VAL D 104 18.81 -9.64 -8.48
CA VAL D 104 18.90 -9.92 -9.91
C VAL D 104 19.20 -8.65 -10.70
N ILE D 105 18.53 -7.55 -10.36
CA ILE D 105 18.84 -6.28 -10.98
C ILE D 105 20.26 -5.84 -10.62
N ALA D 106 20.65 -6.05 -9.35
CA ALA D 106 22.00 -5.72 -8.92
C ALA D 106 23.03 -6.56 -9.67
N TYR D 107 22.70 -7.82 -9.93
CA TYR D 107 23.60 -8.67 -10.71
C TYR D 107 23.70 -8.21 -12.15
N LEU D 108 22.57 -7.84 -12.76
CA LEU D 108 22.58 -7.37 -14.13
C LEU D 108 23.35 -6.06 -14.28
N MET D 109 23.39 -5.23 -13.24
CA MET D 109 24.18 -4.00 -13.35
C MET D 109 25.67 -4.29 -13.20
N LYS D 110 26.04 -5.29 -12.42
CA LYS D 110 27.45 -5.58 -12.17
C LYS D 110 28.06 -6.42 -13.29
N HIS D 111 27.39 -7.49 -13.69
CA HIS D 111 27.98 -8.47 -14.60
C HIS D 111 27.47 -8.38 -16.04
N THR D 112 26.45 -7.56 -16.30
CA THR D 112 25.98 -7.35 -17.66
C THR D 112 26.20 -5.92 -18.16
N ARG D 113 26.62 -5.01 -17.27
CA ARG D 113 26.90 -3.62 -17.62
C ARG D 113 25.68 -2.93 -18.24
N MET D 114 24.52 -3.15 -17.64
CA MET D 114 23.30 -2.43 -17.98
C MET D 114 23.02 -1.35 -16.95
N THR D 115 22.26 -0.34 -17.36
CA THR D 115 21.81 0.68 -16.43
C THR D 115 20.68 0.14 -15.57
N MET D 116 20.43 0.83 -14.45
CA MET D 116 19.42 0.38 -13.50
C MET D 116 18.04 0.33 -14.14
N THR D 117 17.72 1.32 -14.97
CA THR D 117 16.42 1.31 -15.67
C THR D 117 16.36 0.19 -16.71
N ASP D 118 17.43 0.02 -17.49
CA ASP D 118 17.45 -1.04 -18.49
C ASP D 118 17.36 -2.41 -17.82
N ALA D 119 18.02 -2.58 -16.67
CA ALA D 119 17.93 -3.83 -15.93
C ALA D 119 16.52 -4.03 -15.39
N TYR D 120 15.88 -2.97 -14.92
CA TYR D 120 14.51 -3.09 -14.43
C TYR D 120 13.55 -3.40 -15.57
N LYS D 121 13.67 -2.70 -16.69
CA LYS D 121 12.81 -2.98 -17.84
C LYS D 121 13.06 -4.38 -18.38
N PHE D 122 14.27 -4.90 -18.20
CA PHE D 122 14.57 -6.26 -18.65
C PHE D 122 13.85 -7.29 -17.80
N VAL D 123 13.88 -7.11 -16.47
CA VAL D 123 13.19 -8.03 -15.57
C VAL D 123 11.69 -7.84 -15.64
N LYS D 124 11.24 -6.60 -15.83
CA LYS D 124 9.81 -6.32 -15.90
C LYS D 124 9.17 -6.96 -17.12
N GLY D 125 9.91 -7.05 -18.23
CA GLY D 125 9.39 -7.70 -19.43
C GLY D 125 9.24 -9.21 -19.28
N LYS D 126 10.00 -9.82 -18.39
CA LYS D 126 9.95 -11.26 -18.17
C LYS D 126 9.04 -11.66 -17.01
N ARG D 127 8.92 -10.80 -16.00
CA ARG D 127 7.95 -10.97 -14.92
C ARG D 127 7.14 -9.68 -14.74
N PRO D 128 5.92 -9.64 -15.26
CA PRO D 128 5.16 -8.37 -15.25
C PRO D 128 4.74 -7.92 -13.86
N ILE D 129 4.71 -8.80 -12.88
CA ILE D 129 4.24 -8.49 -11.54
C ILE D 129 5.45 -8.34 -10.62
N ILE D 130 5.79 -7.10 -10.28
CA ILE D 130 6.90 -6.81 -9.37
C ILE D 130 6.46 -5.70 -8.42
N SER D 131 6.42 -6.01 -7.12
CA SER D 131 5.99 -5.03 -6.14
C SER D 131 7.07 -3.95 -5.95
N PRO D 132 6.68 -2.68 -5.87
CA PRO D 132 7.67 -1.62 -5.71
C PRO D 132 8.20 -1.52 -4.29
N ASN D 133 9.44 -1.07 -4.17
CA ASN D 133 10.07 -0.84 -2.87
C ASN D 133 11.04 0.33 -3.02
N LEU D 134 10.68 1.46 -2.42
CA LEU D 134 11.51 2.66 -2.53
C LEU D 134 12.83 2.50 -1.80
N ASN D 135 12.86 1.70 -0.73
CA ASN D 135 14.13 1.48 -0.02
C ASN D 135 15.13 0.74 -0.89
N PHE D 136 14.72 -0.40 -1.46
CA PHE D 136 15.63 -1.15 -2.31
C PHE D 136 15.96 -0.38 -3.59
N MET D 137 15.02 0.41 -4.08
CA MET D 137 15.27 1.25 -5.25
C MET D 137 16.35 2.29 -4.94
N GLY D 138 16.33 2.84 -3.74
CA GLY D 138 17.37 3.77 -3.33
C GLY D 138 18.72 3.10 -3.18
N GLN D 139 18.73 1.88 -2.64
CA GLN D 139 19.98 1.15 -2.50
C GLN D 139 20.57 0.76 -3.86
N LEU D 140 19.72 0.50 -4.84
CA LEU D 140 20.20 0.22 -6.19
C LEU D 140 20.78 1.46 -6.85
N LEU D 141 20.21 2.64 -6.58
CA LEU D 141 20.76 3.87 -7.13
C LEU D 141 22.13 4.18 -6.53
N GLU D 142 22.29 3.96 -5.21
CA GLU D 142 23.60 4.11 -4.59
C GLU D 142 24.59 3.09 -5.13
N PHE D 143 24.10 1.91 -5.53
CA PHE D 143 24.97 0.88 -6.07
C PHE D 143 25.48 1.22 -7.46
N GLU D 144 24.67 1.91 -8.27
CA GLU D 144 25.10 2.27 -9.61
C GLU D 144 26.21 3.31 -9.58
N GLU D 145 26.09 4.33 -8.73
CA GLU D 145 27.11 5.37 -8.68
C GLU D 145 28.40 4.83 -8.09
N ASP D 146 28.32 3.84 -7.20
CA ASP D 146 29.53 3.18 -6.72
C ASP D 146 30.18 2.35 -7.81
N LEU D 147 29.39 1.84 -8.76
CA LEU D 147 29.95 1.08 -9.87
C LEU D 147 30.62 1.98 -10.89
N ASN D 148 30.12 3.21 -11.05
CA ASN D 148 30.69 4.15 -12.00
C ASN D 148 31.99 4.78 -11.52
N ASN D 149 32.31 4.65 -10.23
CA ASN D 149 33.53 5.20 -9.66
C ASN D 149 34.50 4.10 -9.23
N GLY D 150 34.28 2.86 -9.65
CA GLY D 150 35.15 1.76 -9.29
C GLY D 150 35.03 1.35 -7.84
N GLU E 6 -22.18 38.85 -0.13
CA GLU E 6 -23.49 38.64 -0.72
C GLU E 6 -23.43 37.68 -1.91
N LEU E 7 -24.14 36.55 -1.80
CA LEU E 7 -24.21 35.56 -2.86
C LEU E 7 -25.55 35.70 -3.56
N THR E 8 -25.52 36.13 -4.83
CA THR E 8 -26.75 36.35 -5.57
C THR E 8 -27.32 35.04 -6.07
N PRO E 9 -28.53 34.65 -5.65
CA PRO E 9 -29.14 33.42 -6.18
C PRO E 9 -29.94 33.68 -7.45
N ILE E 10 -29.36 33.42 -8.62
CA ILE E 10 -30.10 33.59 -9.87
C ILE E 10 -31.17 32.51 -10.00
N LEU E 11 -30.79 31.27 -9.79
CA LEU E 11 -31.69 30.12 -9.75
C LEU E 11 -31.54 29.45 -8.38
N PRO E 12 -32.49 28.60 -8.00
CA PRO E 12 -32.37 27.93 -6.69
C PRO E 12 -31.09 27.13 -6.53
N PHE E 13 -30.43 26.75 -7.62
CA PHE E 13 -29.18 26.01 -7.57
C PHE E 13 -27.99 26.77 -8.16
N LEU E 14 -28.20 27.95 -8.74
CA LEU E 14 -27.15 28.71 -9.40
C LEU E 14 -26.92 30.02 -8.66
N PHE E 15 -25.69 30.25 -8.20
CA PHE E 15 -25.31 31.45 -7.47
C PHE E 15 -24.21 32.20 -8.21
N LEU E 16 -24.15 33.51 -7.96
CA LEU E 16 -23.19 34.39 -8.61
C LEU E 16 -22.61 35.35 -7.58
N GLY E 17 -21.31 35.61 -7.69
CA GLY E 17 -20.65 36.53 -6.78
C GLY E 17 -19.29 36.92 -7.32
N ASN E 18 -18.56 37.68 -6.52
CA ASN E 18 -17.21 38.10 -6.86
C ASN E 18 -16.20 37.29 -6.06
N GLU E 19 -14.93 37.72 -6.12
CA GLU E 19 -13.88 36.99 -5.41
C GLU E 19 -14.11 37.04 -3.90
N GLN E 20 -14.53 38.19 -3.38
CA GLN E 20 -14.80 38.32 -1.95
C GLN E 20 -16.03 37.52 -1.54
N ASP E 21 -17.03 37.43 -2.42
CA ASP E 21 -18.22 36.63 -2.12
C ASP E 21 -17.90 35.15 -2.04
N ALA E 22 -16.85 34.69 -2.74
CA ALA E 22 -16.49 33.29 -2.78
C ALA E 22 -15.70 32.84 -1.57
N GLN E 23 -15.19 33.77 -0.77
CA GLN E 23 -14.39 33.45 0.40
C GLN E 23 -15.24 33.28 1.65
N ASP E 24 -16.56 33.42 1.55
CA ASP E 24 -17.47 33.32 2.68
C ASP E 24 -17.93 31.87 2.79
N LEU E 25 -17.38 31.14 3.76
CA LEU E 25 -17.69 29.72 3.88
C LEU E 25 -19.05 29.46 4.51
N ASP E 26 -19.46 30.29 5.47
CA ASP E 26 -20.68 30.01 6.22
C ASP E 26 -21.91 30.07 5.34
N THR E 27 -22.04 31.12 4.52
CA THR E 27 -23.20 31.22 3.65
C THR E 27 -23.18 30.14 2.58
N MET E 28 -22.00 29.79 2.07
CA MET E 28 -21.92 28.74 1.05
C MET E 28 -22.39 27.40 1.60
N GLN E 29 -22.14 27.15 2.89
CA GLN E 29 -22.64 25.93 3.52
C GLN E 29 -24.08 26.10 3.96
N ARG E 30 -24.49 27.32 4.35
CA ARG E 30 -25.88 27.57 4.71
C ARG E 30 -26.80 27.51 3.49
N LEU E 31 -26.27 27.78 2.31
CA LEU E 31 -27.03 27.72 1.08
C LEU E 31 -26.89 26.37 0.36
N ASN E 32 -26.19 25.42 0.97
CA ASN E 32 -26.09 24.05 0.46
C ASN E 32 -25.42 24.03 -0.91
N ILE E 33 -24.26 24.68 -1.01
CA ILE E 33 -23.46 24.67 -2.21
C ILE E 33 -22.39 23.59 -2.09
N GLY E 34 -22.19 22.83 -3.16
CA GLY E 34 -21.17 21.81 -3.19
C GLY E 34 -20.36 21.82 -4.46
N TYR E 35 -20.70 22.73 -5.37
CA TYR E 35 -20.02 22.88 -6.65
C TYR E 35 -19.71 24.35 -6.86
N VAL E 36 -18.49 24.66 -7.28
CA VAL E 36 -18.08 26.03 -7.52
C VAL E 36 -17.40 26.11 -8.89
N ILE E 37 -17.72 27.16 -9.64
CA ILE E 37 -17.09 27.44 -10.92
C ILE E 37 -16.28 28.72 -10.76
N ASN E 38 -14.97 28.62 -11.00
CA ASN E 38 -14.04 29.75 -10.88
C ASN E 38 -13.66 30.19 -12.28
N VAL E 39 -14.19 31.34 -12.71
CA VAL E 39 -13.96 31.84 -14.06
C VAL E 39 -12.82 32.84 -14.05
N THR E 40 -11.71 32.47 -13.43
CA THR E 40 -10.51 33.31 -13.41
C THR E 40 -9.30 32.43 -13.63
N THR E 41 -8.19 33.07 -14.00
CA THR E 41 -6.92 32.36 -14.15
C THR E 41 -6.06 32.44 -12.89
N HIS E 42 -6.16 33.53 -12.13
CA HIS E 42 -5.22 33.78 -11.04
C HIS E 42 -5.82 33.64 -9.65
N LEU E 43 -7.14 33.64 -9.51
CA LEU E 43 -7.69 33.51 -8.17
C LEU E 43 -7.57 32.07 -7.68
N PRO E 44 -7.33 31.87 -6.40
CA PRO E 44 -7.24 30.51 -5.86
C PRO E 44 -8.61 29.88 -5.69
N LEU E 45 -8.64 28.55 -5.73
CA LEU E 45 -9.84 27.81 -5.37
C LEU E 45 -10.00 27.90 -3.86
N TYR E 46 -10.94 28.73 -3.42
CA TYR E 46 -11.05 29.03 -1.99
C TYR E 46 -11.58 27.81 -1.23
N HIS E 47 -10.97 27.56 -0.07
CA HIS E 47 -11.34 26.44 0.79
C HIS E 47 -11.14 25.10 0.10
N TYR E 48 -10.09 25.01 -0.73
CA TYR E 48 -9.82 23.75 -1.43
C TYR E 48 -9.21 22.71 -0.49
N GLU E 49 -8.34 23.13 0.43
CA GLU E 49 -7.75 22.19 1.38
C GLU E 49 -8.77 21.63 2.34
N LYS E 50 -10.02 22.08 2.28
CA LYS E 50 -11.06 21.63 3.18
C LYS E 50 -11.92 20.52 2.60
N GLY E 51 -11.78 20.22 1.31
CA GLY E 51 -12.46 19.10 0.68
C GLY E 51 -13.97 19.08 0.78
N LEU E 52 -14.60 20.23 0.52
CA LEU E 52 -16.05 20.35 0.63
C LEU E 52 -16.78 20.51 -0.69
N PHE E 53 -16.08 20.96 -1.73
CA PHE E 53 -16.73 21.26 -3.00
C PHE E 53 -16.01 20.56 -4.14
N ASN E 54 -16.72 20.42 -5.26
CA ASN E 54 -16.13 19.98 -6.52
C ASN E 54 -15.83 21.22 -7.36
N TYR E 55 -14.58 21.33 -7.83
CA TYR E 55 -14.08 22.53 -8.46
C TYR E 55 -13.88 22.36 -9.96
N LYS E 56 -14.11 23.43 -10.69
CA LYS E 56 -13.76 23.54 -12.10
C LYS E 56 -13.31 24.96 -12.39
N ARG E 57 -12.09 25.12 -12.89
CA ARG E 57 -11.54 26.44 -13.19
C ARG E 57 -11.64 26.70 -14.68
N LEU E 58 -12.16 27.87 -15.04
CA LEU E 58 -12.25 28.31 -16.43
C LEU E 58 -11.24 29.43 -16.65
N PRO E 59 -10.06 29.15 -17.18
CA PRO E 59 -9.03 30.19 -17.31
C PRO E 59 -9.42 31.27 -18.31
N ALA E 60 -10.04 32.34 -17.80
CA ALA E 60 -10.52 33.43 -18.63
C ALA E 60 -10.06 34.77 -18.07
N THR E 61 -9.89 35.73 -18.98
CA THR E 61 -9.54 37.10 -18.62
C THR E 61 -10.69 38.02 -18.98
N ASP E 62 -10.71 39.19 -18.35
CA ASP E 62 -11.76 40.17 -18.62
C ASP E 62 -11.30 41.15 -19.71
N SER E 63 -10.91 40.57 -20.85
CA SER E 63 -10.40 41.32 -21.99
C SER E 63 -11.44 41.38 -23.10
N ASN E 64 -11.10 42.11 -24.15
CA ASN E 64 -11.94 42.24 -25.34
C ASN E 64 -11.69 41.13 -26.35
N LYS E 65 -10.79 40.19 -26.05
CA LYS E 65 -10.51 39.07 -26.94
C LYS E 65 -10.76 37.72 -26.28
N GLN E 66 -11.18 37.69 -25.01
CA GLN E 66 -11.37 36.43 -24.30
C GLN E 66 -12.60 35.70 -24.85
N ASN E 67 -12.45 34.40 -25.09
CA ASN E 67 -13.53 33.55 -25.59
C ASN E 67 -14.17 32.81 -24.42
N LEU E 68 -15.44 33.13 -24.15
CA LEU E 68 -16.23 32.40 -23.16
C LEU E 68 -17.17 31.38 -23.77
N ARG E 69 -17.44 31.46 -25.08
CA ARG E 69 -18.31 30.50 -25.73
C ARG E 69 -17.75 29.08 -25.62
N GLN E 70 -16.42 28.93 -25.64
CA GLN E 70 -15.80 27.61 -25.56
C GLN E 70 -16.06 26.92 -24.24
N TYR E 71 -16.36 27.66 -23.18
CA TYR E 71 -16.57 27.10 -21.85
C TYR E 71 -18.04 26.91 -21.51
N PHE E 72 -18.96 27.22 -22.43
CA PHE E 72 -20.38 27.18 -22.10
C PHE E 72 -20.83 25.75 -21.79
N GLU E 73 -20.63 24.84 -22.74
CA GLU E 73 -21.10 23.47 -22.54
C GLU E 73 -20.34 22.77 -21.42
N GLU E 74 -19.06 23.10 -21.23
CA GLU E 74 -18.32 22.53 -20.10
C GLU E 74 -18.92 22.97 -18.78
N ALA E 75 -19.39 24.22 -18.71
CA ALA E 75 -20.02 24.73 -17.50
C ALA E 75 -21.47 24.29 -17.36
N PHE E 76 -22.18 24.12 -18.48
CA PHE E 76 -23.57 23.70 -18.43
C PHE E 76 -23.71 22.31 -17.83
N GLU E 77 -22.84 21.36 -18.22
CA GLU E 77 -22.92 20.02 -17.63
C GLU E 77 -22.50 20.03 -16.17
N PHE E 78 -21.55 20.87 -15.78
CA PHE E 78 -21.24 21.00 -14.37
C PHE E 78 -22.42 21.63 -13.63
N ILE E 79 -23.17 22.51 -14.28
CA ILE E 79 -24.39 23.03 -13.70
C ILE E 79 -25.47 21.95 -13.70
N GLU E 80 -25.48 21.11 -14.74
CA GLU E 80 -26.41 19.99 -14.79
C GLU E 80 -26.02 18.90 -13.80
N GLU E 81 -24.72 18.75 -13.51
CA GLU E 81 -24.32 17.75 -12.52
C GLU E 81 -24.70 18.15 -11.10
N ALA E 82 -24.74 19.45 -10.81
CA ALA E 82 -25.12 19.90 -9.47
C ALA E 82 -26.64 19.89 -9.28
N HIS E 83 -27.41 20.21 -10.31
CA HIS E 83 -28.85 20.27 -10.17
C HIS E 83 -29.44 18.88 -9.90
N GLN E 84 -28.90 17.85 -10.55
CA GLN E 84 -29.46 16.51 -10.46
C GLN E 84 -29.08 15.77 -9.18
N CYS E 85 -28.10 16.27 -8.42
CA CYS E 85 -27.69 15.63 -7.17
C CYS E 85 -28.07 16.45 -5.94
N GLY E 86 -28.94 17.44 -6.09
CA GLY E 86 -29.48 18.18 -4.96
C GLY E 86 -28.54 19.16 -4.28
N LYS E 87 -27.45 19.55 -4.94
CA LYS E 87 -26.52 20.53 -4.38
C LYS E 87 -26.53 21.78 -5.24
N GLY E 88 -26.11 22.90 -4.63
CA GLY E 88 -26.06 24.16 -5.34
C GLY E 88 -24.71 24.41 -6.00
N LEU E 89 -24.71 25.33 -6.96
CA LEU E 89 -23.49 25.68 -7.68
C LEU E 89 -23.28 27.18 -7.60
N LEU E 90 -22.05 27.59 -7.31
CA LEU E 90 -21.66 28.99 -7.25
C LEU E 90 -20.63 29.26 -8.33
N ILE E 91 -20.93 30.18 -9.24
CA ILE E 91 -19.99 30.61 -10.27
C ILE E 91 -19.61 32.05 -9.97
N HIS E 92 -18.30 32.31 -9.95
CA HIS E 92 -17.78 33.60 -9.52
C HIS E 92 -16.54 33.95 -10.33
N CYS E 93 -16.24 35.24 -10.37
CA CYS E 93 -14.98 35.73 -10.93
C CYS E 93 -14.46 36.87 -10.07
N GLN E 94 -14.49 38.09 -10.60
CA GLN E 94 -13.98 39.22 -9.82
C GLN E 94 -15.06 40.28 -9.57
N ALA E 95 -14.63 41.51 -9.27
CA ALA E 95 -15.55 42.54 -8.78
C ALA E 95 -16.68 42.82 -9.76
N GLY E 96 -16.33 43.12 -11.01
CA GLY E 96 -17.33 43.47 -12.00
C GLY E 96 -18.23 42.35 -12.46
N VAL E 97 -17.97 41.11 -12.00
CA VAL E 97 -18.72 39.89 -12.30
C VAL E 97 -19.06 39.78 -13.79
N SER E 98 -18.22 40.36 -14.65
CA SER E 98 -18.51 40.36 -16.08
C SER E 98 -18.39 38.96 -16.68
N ARG E 99 -17.34 38.22 -16.32
CA ARG E 99 -17.14 36.90 -16.89
C ARG E 99 -18.18 35.91 -16.39
N SER E 100 -18.41 35.89 -15.07
CA SER E 100 -19.31 34.90 -14.49
C SER E 100 -20.77 35.18 -14.84
N ALA E 101 -21.16 36.45 -14.95
CA ALA E 101 -22.55 36.75 -15.34
C ALA E 101 -22.81 36.42 -16.81
N THR E 102 -21.78 36.41 -17.64
CA THR E 102 -21.96 36.04 -19.04
C THR E 102 -22.34 34.58 -19.17
N ILE E 103 -21.74 33.71 -18.36
CA ILE E 103 -22.05 32.29 -18.41
C ILE E 103 -23.44 32.03 -17.85
N VAL E 104 -23.82 32.74 -16.78
CA VAL E 104 -25.16 32.58 -16.21
C VAL E 104 -26.22 32.94 -17.22
N ILE E 105 -26.01 34.03 -17.96
CA ILE E 105 -26.95 34.42 -19.01
C ILE E 105 -26.97 33.35 -20.12
N ALA E 106 -25.80 32.81 -20.46
CA ALA E 106 -25.74 31.77 -21.47
C ALA E 106 -26.52 30.53 -21.05
N TYR E 107 -26.48 30.21 -19.76
CA TYR E 107 -27.26 29.07 -19.27
C TYR E 107 -28.76 29.38 -19.32
N LEU E 108 -29.15 30.59 -18.93
CA LEU E 108 -30.56 30.96 -18.95
C LEU E 108 -31.13 30.96 -20.35
N MET E 109 -30.31 31.24 -21.37
CA MET E 109 -30.83 31.21 -22.74
C MET E 109 -30.97 29.79 -23.27
N LYS E 110 -30.08 28.88 -22.88
CA LYS E 110 -30.12 27.54 -23.45
C LYS E 110 -31.10 26.64 -22.70
N HIS E 111 -31.05 26.64 -21.37
CA HIS E 111 -31.80 25.68 -20.58
C HIS E 111 -33.10 26.25 -20.00
N THR E 112 -33.31 27.56 -20.09
CA THR E 112 -34.57 28.17 -19.69
C THR E 112 -35.32 28.78 -20.87
N ARG E 113 -34.69 28.86 -22.04
CA ARG E 113 -35.30 29.40 -23.26
C ARG E 113 -35.78 30.83 -23.07
N MET E 114 -34.93 31.66 -22.48
CA MET E 114 -35.16 33.09 -22.35
C MET E 114 -34.42 33.83 -23.46
N THR E 115 -34.91 35.01 -23.78
CA THR E 115 -34.18 35.84 -24.73
C THR E 115 -32.97 36.47 -24.07
N MET E 116 -32.03 36.90 -24.90
CA MET E 116 -30.78 37.44 -24.39
C MET E 116 -31.01 38.68 -23.54
N THR E 117 -31.92 39.56 -23.95
CA THR E 117 -32.23 40.74 -23.14
C THR E 117 -32.97 40.35 -21.86
N ASP E 118 -33.96 39.46 -21.96
CA ASP E 118 -34.69 39.03 -20.78
C ASP E 118 -33.76 38.33 -19.78
N ALA E 119 -32.81 37.55 -20.28
CA ALA E 119 -31.84 36.91 -19.41
C ALA E 119 -30.94 37.93 -18.72
N TYR E 120 -30.53 38.97 -19.45
CA TYR E 120 -29.71 40.02 -18.84
C TYR E 120 -30.53 40.82 -17.84
N LYS E 121 -31.75 41.21 -18.21
CA LYS E 121 -32.61 41.96 -17.29
C LYS E 121 -32.95 41.13 -16.05
N PHE E 122 -32.97 39.80 -16.19
CA PHE E 122 -33.23 38.94 -15.04
C PHE E 122 -32.04 38.93 -14.09
N VAL E 123 -30.82 38.84 -14.63
CA VAL E 123 -29.63 38.84 -13.79
C VAL E 123 -29.37 40.24 -13.25
N LYS E 124 -29.66 41.27 -14.04
CA LYS E 124 -29.45 42.64 -13.59
C LYS E 124 -30.37 43.01 -12.43
N GLY E 125 -31.59 42.46 -12.41
CA GLY E 125 -32.51 42.75 -11.33
C GLY E 125 -32.12 42.15 -9.99
N LYS E 126 -31.34 41.07 -10.00
CA LYS E 126 -30.90 40.42 -8.77
C LYS E 126 -29.52 40.87 -8.31
N ARG E 127 -28.66 41.28 -9.24
CA ARG E 127 -27.37 41.91 -8.93
C ARG E 127 -27.28 43.22 -9.70
N PRO E 128 -27.54 44.36 -9.04
CA PRO E 128 -27.61 45.63 -9.79
C PRO E 128 -26.26 46.10 -10.31
N ILE E 129 -25.15 45.59 -9.79
CA ILE E 129 -23.83 46.03 -10.20
C ILE E 129 -23.24 44.94 -11.08
N ILE E 130 -23.19 45.21 -12.39
CA ILE E 130 -22.61 44.31 -13.38
C ILE E 130 -21.80 45.14 -14.36
N SER E 131 -20.50 44.90 -14.40
CA SER E 131 -19.64 45.68 -15.29
C SER E 131 -19.87 45.25 -16.74
N PRO E 132 -19.94 46.20 -17.67
CA PRO E 132 -20.17 45.86 -19.08
C PRO E 132 -18.92 45.33 -19.77
N ASN E 133 -19.16 44.48 -20.76
CA ASN E 133 -18.08 43.95 -21.60
C ASN E 133 -18.66 43.73 -22.99
N LEU E 134 -18.24 44.54 -23.95
CA LEU E 134 -18.80 44.45 -25.30
C LEU E 134 -18.43 43.14 -25.98
N ASN E 135 -17.27 42.56 -25.65
CA ASN E 135 -16.91 41.27 -26.23
C ASN E 135 -17.89 40.19 -25.80
N PHE E 136 -18.08 40.04 -24.49
CA PHE E 136 -18.98 38.99 -24.01
C PHE E 136 -20.41 39.25 -24.44
N MET E 137 -20.80 40.52 -24.56
CA MET E 137 -22.12 40.86 -25.05
C MET E 137 -22.29 40.41 -26.50
N GLY E 138 -21.25 40.59 -27.31
CA GLY E 138 -21.31 40.13 -28.69
C GLY E 138 -21.34 38.62 -28.82
N GLN E 139 -20.58 37.91 -27.97
CA GLN E 139 -20.57 36.46 -28.00
C GLN E 139 -21.90 35.87 -27.58
N LEU E 140 -22.63 36.55 -26.68
CA LEU E 140 -23.96 36.10 -26.33
C LEU E 140 -24.93 36.26 -27.49
N LEU E 141 -24.72 37.28 -28.33
CA LEU E 141 -25.56 37.46 -29.51
C LEU E 141 -25.37 36.32 -30.49
N GLU E 142 -24.13 35.86 -30.69
CA GLU E 142 -23.90 34.67 -31.49
C GLU E 142 -24.51 33.43 -30.83
N PHE E 143 -24.55 33.41 -29.50
CA PHE E 143 -25.13 32.25 -28.82
C PHE E 143 -26.64 32.23 -28.92
N GLU E 144 -27.29 33.40 -28.96
CA GLU E 144 -28.75 33.43 -29.05
C GLU E 144 -29.22 32.96 -30.43
N GLU E 145 -28.57 33.44 -31.49
CA GLU E 145 -28.99 33.05 -32.84
C GLU E 145 -28.64 31.59 -33.14
N ASP E 146 -27.59 31.06 -32.51
CA ASP E 146 -27.28 29.64 -32.67
C ASP E 146 -28.31 28.76 -31.98
N LEU E 147 -28.94 29.26 -30.91
CA LEU E 147 -29.97 28.47 -30.23
C LEU E 147 -31.24 28.39 -31.04
N ASN E 148 -31.54 29.43 -31.82
CA ASN E 148 -32.74 29.46 -32.65
C ASN E 148 -32.60 28.59 -33.90
N ASN E 149 -31.39 28.16 -34.24
CA ASN E 149 -31.16 27.32 -35.40
C ASN E 149 -30.74 25.91 -34.96
N THR F 8 8.07 -30.00 25.64
CA THR F 8 8.62 -30.44 26.92
C THR F 8 9.15 -29.25 27.72
N PRO F 9 8.59 -29.03 28.91
CA PRO F 9 9.06 -27.92 29.75
C PRO F 9 10.20 -28.30 30.68
N ILE F 10 11.43 -27.92 30.31
CA ILE F 10 12.57 -28.15 31.20
C ILE F 10 12.48 -27.22 32.40
N LEU F 11 12.28 -25.93 32.13
CA LEU F 11 12.05 -24.91 33.14
C LEU F 11 10.70 -24.26 32.84
N PRO F 12 10.12 -23.50 33.78
CA PRO F 12 8.83 -22.86 33.50
C PRO F 12 8.84 -21.94 32.29
N PHE F 13 10.00 -21.46 31.85
CA PHE F 13 10.10 -20.56 30.71
C PHE F 13 10.85 -21.13 29.51
N LEU F 14 11.45 -22.30 29.62
CA LEU F 14 12.23 -22.89 28.54
C LEU F 14 11.56 -24.20 28.09
N PHE F 15 11.24 -24.29 26.81
CA PHE F 15 10.58 -25.45 26.24
C PHE F 15 11.45 -26.07 25.15
N LEU F 16 11.25 -27.38 24.93
CA LEU F 16 12.03 -28.15 23.97
C LEU F 16 11.10 -29.06 23.19
N GLY F 17 11.37 -29.19 21.89
CA GLY F 17 10.56 -30.04 21.06
C GLY F 17 11.22 -30.28 19.72
N ASN F 18 10.48 -30.95 18.84
CA ASN F 18 10.94 -31.20 17.49
C ASN F 18 10.20 -30.27 16.54
N GLU F 19 10.33 -30.51 15.23
CA GLU F 19 9.68 -29.64 14.26
C GLU F 19 8.16 -29.74 14.36
N GLN F 20 7.63 -30.94 14.62
CA GLN F 20 6.19 -31.10 14.75
C GLN F 20 5.68 -30.38 16.00
N ASP F 21 6.48 -30.36 17.06
CA ASP F 21 6.09 -29.64 18.27
C ASP F 21 6.04 -28.14 18.03
N ALA F 22 6.82 -27.63 17.07
CA ALA F 22 6.89 -26.21 16.79
C ALA F 22 5.76 -25.72 15.90
N GLN F 23 5.03 -26.63 15.26
CA GLN F 23 3.93 -26.29 14.36
C GLN F 23 2.60 -26.22 15.09
N ASP F 24 2.58 -26.47 16.40
CA ASP F 24 1.36 -26.48 17.20
C ASP F 24 1.16 -25.08 17.77
N LEU F 25 0.24 -24.32 17.19
CA LEU F 25 0.05 -22.93 17.63
C LEU F 25 -0.69 -22.86 18.95
N ASP F 26 -1.63 -23.77 19.19
CA ASP F 26 -2.45 -23.70 20.39
C ASP F 26 -1.61 -23.91 21.65
N THR F 27 -0.71 -24.89 21.63
CA THR F 27 0.12 -25.17 22.80
C THR F 27 1.09 -24.02 23.05
N MET F 28 1.66 -23.43 22.00
CA MET F 28 2.57 -22.32 22.20
C MET F 28 1.87 -21.09 22.78
N GLN F 29 0.61 -20.88 22.42
CA GLN F 29 -0.13 -19.76 22.99
C GLN F 29 -0.75 -20.09 24.34
N ARG F 30 -1.13 -21.36 24.56
CA ARG F 30 -1.66 -21.75 25.87
C ARG F 30 -0.56 -21.76 26.92
N LEU F 31 0.69 -21.98 26.52
CA LEU F 31 1.83 -21.96 27.43
C LEU F 31 2.54 -20.63 27.45
N ASN F 32 2.02 -19.62 26.75
CA ASN F 32 2.53 -18.25 26.79
C ASN F 32 3.97 -18.16 26.29
N ILE F 33 4.19 -18.71 25.10
CA ILE F 33 5.49 -18.60 24.43
C ILE F 33 5.43 -17.44 23.44
N GLY F 34 6.48 -16.64 23.41
CA GLY F 34 6.58 -15.54 22.48
C GLY F 34 7.94 -15.48 21.82
N TYR F 35 8.80 -16.42 22.18
CA TYR F 35 10.15 -16.49 21.64
C TYR F 35 10.41 -17.93 21.20
N VAL F 36 10.97 -18.09 20.00
CA VAL F 36 11.26 -19.39 19.44
C VAL F 36 12.69 -19.40 18.92
N ILE F 37 13.41 -20.48 19.18
CA ILE F 37 14.76 -20.69 18.69
C ILE F 37 14.72 -21.88 17.73
N ASN F 38 15.12 -21.65 16.48
CA ASN F 38 15.13 -22.67 15.44
C ASN F 38 16.58 -23.06 15.19
N VAL F 39 16.96 -24.26 15.64
CA VAL F 39 18.34 -24.71 15.52
C VAL F 39 18.49 -25.57 14.26
N THR F 40 18.00 -25.06 13.13
CA THR F 40 18.16 -25.73 11.85
C THR F 40 18.49 -24.68 10.79
N THR F 41 19.00 -25.15 9.66
CA THR F 41 19.25 -24.28 8.52
C THR F 41 18.09 -24.28 7.53
N HIS F 42 17.35 -25.39 7.44
CA HIS F 42 16.37 -25.58 6.38
C HIS F 42 14.93 -25.53 6.84
N LEU F 43 14.66 -25.65 8.14
CA LEU F 43 13.28 -25.61 8.57
C LEU F 43 12.75 -24.19 8.57
N PRO F 44 11.47 -24.01 8.23
CA PRO F 44 10.89 -22.67 8.21
C PRO F 44 10.58 -22.15 9.61
N LEU F 45 10.59 -20.83 9.74
CA LEU F 45 10.11 -20.18 10.95
C LEU F 45 8.59 -20.31 10.96
N TYR F 46 8.08 -21.24 11.77
CA TYR F 46 6.66 -21.56 11.71
C TYR F 46 5.82 -20.42 12.29
N HIS F 47 4.72 -20.13 11.60
CA HIS F 47 3.77 -19.09 12.02
C HIS F 47 4.43 -17.71 12.04
N TYR F 48 5.35 -17.48 11.10
CA TYR F 48 6.02 -16.19 11.00
C TYR F 48 5.11 -15.13 10.38
N GLU F 49 4.28 -15.54 9.41
CA GLU F 49 3.37 -14.61 8.75
C GLU F 49 2.27 -14.11 9.67
N LYS F 50 2.16 -14.62 10.89
CA LYS F 50 1.14 -14.18 11.83
C LYS F 50 1.63 -13.12 12.81
N GLY F 51 2.94 -12.85 12.86
CA GLY F 51 3.50 -11.81 13.70
C GLY F 51 3.21 -11.97 15.18
N LEU F 52 3.39 -13.18 15.71
CA LEU F 52 3.09 -13.46 17.11
C LEU F 52 4.31 -13.76 17.96
N PHE F 53 5.43 -14.15 17.36
CA PHE F 53 6.62 -14.57 18.12
C PHE F 53 7.85 -13.82 17.64
N ASN F 54 8.87 -13.82 18.49
CA ASN F 54 10.20 -13.35 18.15
C ASN F 54 11.07 -14.54 17.78
N TYR F 55 11.70 -14.49 16.61
CA TYR F 55 12.41 -15.62 16.06
C TYR F 55 13.91 -15.38 16.05
N LYS F 56 14.67 -16.46 16.25
CA LYS F 56 16.11 -16.46 16.05
C LYS F 56 16.50 -17.82 15.49
N ARG F 57 17.13 -17.82 14.32
CA ARG F 57 17.52 -19.05 13.64
C ARG F 57 19.01 -19.30 13.83
N LEU F 58 19.35 -20.51 14.24
CA LEU F 58 20.74 -20.95 14.36
C LEU F 58 21.03 -21.95 13.26
N PRO F 59 21.63 -21.53 12.14
CA PRO F 59 21.83 -22.46 11.01
C PRO F 59 22.84 -23.55 11.32
N ALA F 60 22.35 -24.70 11.81
CA ALA F 60 23.20 -25.80 12.20
C ALA F 60 22.69 -27.10 11.60
N THR F 61 23.62 -28.01 11.36
CA THR F 61 23.32 -29.37 10.90
C THR F 61 23.72 -30.36 11.98
N ASP F 62 23.14 -31.55 11.91
CA ASP F 62 23.43 -32.61 12.88
C ASP F 62 24.55 -33.52 12.38
N SER F 63 25.70 -32.89 12.10
CA SER F 63 26.86 -33.59 11.57
C SER F 63 27.91 -33.77 12.67
N ASN F 64 29.00 -34.45 12.32
CA ASN F 64 30.08 -34.70 13.25
C ASN F 64 31.08 -33.56 13.33
N LYS F 65 30.86 -32.47 12.58
CA LYS F 65 31.75 -31.32 12.60
C LYS F 65 31.03 -30.02 12.98
N GLN F 66 29.74 -30.08 13.29
CA GLN F 66 28.99 -28.87 13.57
C GLN F 66 29.44 -28.24 14.88
N ASN F 67 29.67 -26.93 14.86
CA ASN F 67 30.06 -26.16 16.03
C ASN F 67 28.80 -25.53 16.62
N LEU F 68 28.41 -25.99 17.81
CA LEU F 68 27.30 -25.40 18.55
C LEU F 68 27.76 -24.47 19.66
N ARG F 69 29.04 -24.55 20.06
CA ARG F 69 29.58 -23.69 21.11
C ARG F 69 29.50 -22.22 20.72
N GLN F 70 29.68 -21.92 19.43
CA GLN F 70 29.66 -20.53 18.98
C GLN F 70 28.30 -19.87 19.16
N TYR F 71 27.22 -20.66 19.24
CA TYR F 71 25.87 -20.12 19.38
C TYR F 71 25.37 -20.12 20.81
N PHE F 72 26.21 -20.52 21.78
CA PHE F 72 25.75 -20.63 23.16
C PHE F 72 25.42 -19.26 23.75
N GLU F 73 26.37 -18.33 23.70
CA GLU F 73 26.16 -17.02 24.30
C GLU F 73 25.08 -16.22 23.55
N GLU F 74 24.98 -16.41 22.24
CA GLU F 74 23.93 -15.75 21.48
C GLU F 74 22.54 -16.25 21.88
N ALA F 75 22.43 -17.54 22.19
CA ALA F 75 21.15 -18.10 22.61
C ALA F 75 20.86 -17.83 24.08
N PHE F 76 21.89 -17.76 24.92
CA PHE F 76 21.67 -17.51 26.34
C PHE F 76 21.06 -16.12 26.58
N GLU F 77 21.59 -15.10 25.89
CA GLU F 77 21.02 -13.76 26.04
C GLU F 77 19.62 -13.68 25.46
N PHE F 78 19.33 -14.46 24.41
CA PHE F 78 17.98 -14.51 23.87
C PHE F 78 17.02 -15.16 24.85
N ILE F 79 17.49 -16.14 25.63
CA ILE F 79 16.66 -16.74 26.66
C ILE F 79 16.42 -15.74 27.79
N GLU F 80 17.39 -14.88 28.07
CA GLU F 80 17.24 -13.89 29.14
C GLU F 80 16.21 -12.83 28.76
N GLU F 81 16.05 -12.53 27.47
CA GLU F 81 15.09 -11.51 27.08
C GLU F 81 13.64 -11.99 27.28
N ALA F 82 13.41 -13.30 27.17
CA ALA F 82 12.09 -13.84 27.45
C ALA F 82 11.87 -14.03 28.95
N HIS F 83 12.94 -14.38 29.68
CA HIS F 83 12.81 -14.62 31.11
C HIS F 83 12.49 -13.35 31.87
N GLN F 84 13.10 -12.22 31.48
CA GLN F 84 12.92 -10.98 32.22
C GLN F 84 11.61 -10.28 31.90
N CYS F 85 10.91 -10.66 30.84
CA CYS F 85 9.62 -10.08 30.50
C CYS F 85 8.46 -11.04 30.68
N GLY F 86 8.69 -12.17 31.36
CA GLY F 86 7.61 -13.07 31.69
C GLY F 86 7.10 -13.92 30.55
N LYS F 87 7.87 -14.10 29.49
CA LYS F 87 7.45 -14.89 28.34
C LYS F 87 8.30 -16.16 28.24
N GLY F 88 7.72 -17.18 27.57
CA GLY F 88 8.41 -18.43 27.38
C GLY F 88 9.17 -18.51 26.08
N LEU F 89 10.11 -19.45 26.03
CA LEU F 89 10.94 -19.68 24.84
C LEU F 89 10.88 -21.15 24.46
N LEU F 90 10.73 -21.41 23.16
CA LEU F 90 10.75 -22.77 22.62
C LEU F 90 11.95 -22.90 21.70
N ILE F 91 12.83 -23.84 22.02
CA ILE F 91 13.99 -24.15 21.18
C ILE F 91 13.80 -25.55 20.60
N HIS F 92 13.92 -25.66 19.29
CA HIS F 92 13.61 -26.91 18.60
C HIS F 92 14.54 -27.10 17.42
N CYS F 93 14.66 -28.36 16.98
CA CYS F 93 15.34 -28.68 15.74
C CYS F 93 14.56 -29.77 15.01
N GLN F 94 15.09 -31.00 14.98
CA GLN F 94 14.39 -32.07 14.28
C GLN F 94 14.03 -33.21 15.22
N ALA F 95 13.80 -34.41 14.66
CA ALA F 95 13.22 -35.52 15.42
C ALA F 95 14.08 -35.87 16.64
N GLY F 96 15.36 -36.13 16.42
CA GLY F 96 16.21 -36.56 17.52
C GLY F 96 16.53 -35.51 18.56
N VAL F 97 16.08 -34.26 18.36
CA VAL F 97 16.27 -33.12 19.26
C VAL F 97 17.69 -33.04 19.78
N SER F 98 18.66 -33.52 19.00
CA SER F 98 20.04 -33.54 19.46
C SER F 98 20.62 -32.13 19.57
N ARG F 99 20.37 -31.28 18.56
CA ARG F 99 20.93 -29.93 18.57
C ARG F 99 20.26 -29.07 19.63
N SER F 100 18.92 -29.10 19.68
CA SER F 100 18.20 -28.22 20.59
C SER F 100 18.38 -28.64 22.05
N ALA F 101 18.49 -29.94 22.32
CA ALA F 101 18.75 -30.39 23.68
C ALA F 101 20.16 -30.07 24.14
N THR F 102 21.10 -29.93 23.20
CA THR F 102 22.47 -29.58 23.57
C THR F 102 22.55 -28.18 24.16
N ILE F 103 21.78 -27.23 23.61
CA ILE F 103 21.80 -25.86 24.10
C ILE F 103 21.10 -25.78 25.45
N VAL F 104 19.99 -26.51 25.62
CA VAL F 104 19.29 -26.51 26.90
C VAL F 104 20.20 -27.02 28.02
N ILE F 105 20.96 -28.08 27.75
CA ILE F 105 21.91 -28.58 28.74
C ILE F 105 22.98 -27.54 29.01
N ALA F 106 23.48 -26.88 27.96
CA ALA F 106 24.50 -25.85 28.16
C ALA F 106 23.97 -24.70 29.01
N TYR F 107 22.71 -24.34 28.83
CA TYR F 107 22.11 -23.29 29.66
C TYR F 107 21.97 -23.74 31.10
N LEU F 108 21.51 -24.98 31.32
CA LEU F 108 21.35 -25.47 32.69
C LEU F 108 22.69 -25.59 33.41
N MET F 109 23.77 -25.81 32.67
CA MET F 109 25.08 -25.90 33.31
C MET F 109 25.62 -24.53 33.69
N LYS F 110 25.31 -23.49 32.93
CA LYS F 110 25.86 -22.16 33.19
C LYS F 110 25.07 -21.43 34.26
N HIS F 111 23.75 -21.42 34.15
CA HIS F 111 22.91 -20.58 35.00
C HIS F 111 22.23 -21.33 36.13
N THR F 112 22.32 -22.66 36.17
CA THR F 112 21.77 -23.45 37.27
C THR F 112 22.82 -24.16 38.10
N ARG F 113 24.09 -24.13 37.69
CA ARG F 113 25.18 -24.78 38.43
C ARG F 113 24.94 -26.28 38.53
N MET F 114 24.60 -26.89 37.39
CA MET F 114 24.50 -28.33 37.28
C MET F 114 25.73 -28.89 36.58
N THR F 115 26.05 -30.14 36.90
CA THR F 115 27.10 -30.83 36.17
C THR F 115 26.56 -31.32 34.83
N MET F 116 27.48 -31.64 33.92
CA MET F 116 27.08 -32.07 32.58
C MET F 116 26.25 -33.36 32.64
N THR F 117 26.63 -34.29 33.51
CA THR F 117 25.84 -35.51 33.66
C THR F 117 24.49 -35.22 34.29
N ASP F 118 24.47 -34.42 35.36
CA ASP F 118 23.22 -34.09 36.01
C ASP F 118 22.29 -33.31 35.08
N ALA F 119 22.86 -32.44 34.25
CA ALA F 119 22.05 -31.70 33.29
C ALA F 119 21.47 -32.63 32.22
N TYR F 120 22.25 -33.62 31.77
CA TYR F 120 21.73 -34.56 30.78
C TYR F 120 20.64 -35.44 31.38
N LYS F 121 20.85 -35.96 32.59
CA LYS F 121 19.82 -36.76 33.24
C LYS F 121 18.56 -35.94 33.51
N PHE F 122 18.72 -34.63 33.68
CA PHE F 122 17.56 -33.77 33.93
C PHE F 122 16.69 -33.64 32.69
N VAL F 123 17.30 -33.39 31.52
CA VAL F 123 16.52 -33.27 30.30
C VAL F 123 16.05 -34.64 29.82
N LYS F 124 16.85 -35.68 30.02
CA LYS F 124 16.46 -37.02 29.59
C LYS F 124 15.26 -37.54 30.38
N GLY F 125 15.16 -37.17 31.66
CA GLY F 125 14.04 -37.61 32.47
C GLY F 125 12.72 -36.96 32.11
N LYS F 126 12.76 -35.77 31.49
CA LYS F 126 11.57 -35.05 31.09
C LYS F 126 11.20 -35.31 29.63
N ARG F 127 12.19 -35.58 28.78
CA ARG F 127 11.97 -35.99 27.39
C ARG F 127 12.75 -37.28 27.19
N PRO F 128 12.09 -38.44 27.24
CA PRO F 128 12.83 -39.71 27.26
C PRO F 128 13.53 -40.05 25.95
N ILE F 129 13.14 -39.46 24.83
CA ILE F 129 13.71 -39.78 23.52
C ILE F 129 14.66 -38.66 23.14
N ILE F 130 15.96 -38.93 23.19
CA ILE F 130 17.00 -37.99 22.81
C ILE F 130 18.05 -38.72 22.01
N SER F 131 18.22 -38.33 20.74
CA SER F 131 19.20 -38.99 19.89
C SER F 131 20.61 -38.59 20.31
N PRO F 132 21.54 -39.54 20.36
CA PRO F 132 22.92 -39.21 20.77
C PRO F 132 23.71 -38.54 19.67
N ASN F 133 24.66 -37.69 20.10
CA ASN F 133 25.57 -37.03 19.18
C ASN F 133 26.90 -36.86 19.92
N LEU F 134 27.91 -37.62 19.51
CA LEU F 134 29.20 -37.62 20.19
C LEU F 134 29.93 -36.29 20.07
N ASN F 135 29.69 -35.55 18.98
CA ASN F 135 30.33 -34.25 18.81
C ASN F 135 29.82 -33.26 19.86
N PHE F 136 28.50 -33.14 19.98
CA PHE F 136 27.91 -32.18 20.92
C PHE F 136 28.28 -32.52 22.35
N MET F 137 28.48 -33.82 22.64
CA MET F 137 28.95 -34.25 23.95
C MET F 137 30.32 -33.68 24.28
N GLY F 138 31.22 -33.65 23.30
CA GLY F 138 32.53 -33.06 23.54
C GLY F 138 32.46 -31.57 23.77
N GLN F 139 31.56 -30.89 23.05
CA GLN F 139 31.41 -29.45 23.24
C GLN F 139 30.82 -29.13 24.61
N LEU F 140 29.92 -29.98 25.11
CA LEU F 140 29.41 -29.79 26.46
C LEU F 140 30.46 -30.12 27.50
N LEU F 141 31.31 -31.12 27.24
CA LEU F 141 32.37 -31.47 28.17
C LEU F 141 33.41 -30.36 28.28
N GLU F 142 33.79 -29.77 27.15
CA GLU F 142 34.72 -28.65 27.18
C GLU F 142 34.07 -27.42 27.82
N PHE F 143 32.75 -27.29 27.69
CA PHE F 143 32.05 -26.15 28.29
C PHE F 143 31.99 -26.26 29.81
N GLU F 144 31.95 -27.48 30.34
CA GLU F 144 31.91 -27.66 31.78
C GLU F 144 33.23 -27.24 32.44
N GLU F 145 34.36 -27.64 31.86
CA GLU F 145 35.65 -27.29 32.42
C GLU F 145 35.95 -25.80 32.27
N ASP F 146 35.42 -25.16 31.22
CA ASP F 146 35.57 -23.71 31.10
C ASP F 146 34.76 -22.97 32.15
N LEU F 147 33.64 -23.55 32.59
CA LEU F 147 32.84 -22.92 33.63
C LEU F 147 33.50 -23.04 35.00
N ASN F 148 34.23 -24.12 35.24
CA ASN F 148 34.91 -24.31 36.52
C ASN F 148 36.17 -23.45 36.62
N ASN F 149 36.66 -22.92 35.52
CA ASN F 149 37.85 -22.07 35.51
C ASN F 149 37.53 -20.62 35.14
N GLY F 150 36.25 -20.28 34.99
CA GLY F 150 35.87 -18.93 34.61
C GLY F 150 35.64 -18.77 33.12
#